data_2JJ8
#
_entry.id   2JJ8
#
_cell.length_a   140.031
_cell.length_b   111.868
_cell.length_c   71.100
_cell.angle_alpha   90.00
_cell.angle_beta   90.00
_cell.angle_gamma   90.00
#
_symmetry.space_group_name_H-M   'P 21 21 2'
#
loop_
_entity.id
_entity.type
_entity.pdbx_description
1 polymer 'DEOXYNUCLEOSIDE KINASE'
2 non-polymer 'SULFATE ION'
3 non-polymer "3'-azido-3'-deoxythymidine"
4 water water
#
_entity_poly.entity_id   1
_entity_poly.type   'polypeptide(L)'
_entity_poly.pdbx_seq_one_letter_code
;MAEAASCARKGTKYAEGTQPFTVLIEGNIGSGKTTYLNHFEKYKNDICLLTEPVEKWRNVNGVNLLELMYKDPKKWAMPF
QSYVTLTMLQSHTAPTNKKLKIMERSIFSARYCFVENMRRNGSLEQGMYNTLEEWYKFIEESIHVQADLIIYLRTSPEVA
YERIRQRARSEESCVPLKYLQELHELHEDWLIHQRRPQSCKVLVLDADLNLENIGTEYQRSESSIFDAIS
;
_entity_poly.pdbx_strand_id   A,B,C,D
#
loop_
_chem_comp.id
_chem_comp.type
_chem_comp.name
_chem_comp.formula
AZZ non-polymer 3'-azido-3'-deoxythymidine 'C10 H13 N5 O4'
SO4 non-polymer 'SULFATE ION' 'O4 S -2'
#
# COMPACT_ATOMS: atom_id res chain seq x y z
N THR A 12 29.54 -26.20 1.44
CA THR A 12 28.38 -26.48 0.56
C THR A 12 27.02 -25.88 1.00
N LYS A 13 26.87 -25.54 2.28
CA LYS A 13 25.68 -24.81 2.77
C LYS A 13 25.85 -23.30 2.61
N TYR A 14 24.76 -22.61 2.28
CA TYR A 14 24.86 -21.17 2.06
C TYR A 14 25.35 -20.48 3.33
N ALA A 15 26.28 -19.54 3.12
CA ALA A 15 26.87 -18.71 4.18
C ALA A 15 27.83 -19.46 5.11
N GLU A 16 28.12 -20.72 4.78
CA GLU A 16 29.12 -21.47 5.51
C GLU A 16 30.47 -20.79 5.41
N GLY A 17 31.16 -20.70 6.55
CA GLY A 17 32.46 -20.07 6.63
C GLY A 17 32.48 -18.55 6.44
N THR A 18 31.32 -17.89 6.54
CA THR A 18 31.25 -16.44 6.32
C THR A 18 30.88 -15.68 7.61
N GLN A 19 30.74 -16.39 8.73
CA GLN A 19 30.21 -15.75 9.93
C GLN A 19 31.18 -15.81 11.10
N PRO A 20 31.24 -14.71 11.89
CA PRO A 20 32.05 -14.67 13.08
C PRO A 20 31.31 -15.33 14.24
N PHE A 21 31.99 -15.47 15.37
CA PHE A 21 31.39 -15.91 16.60
C PHE A 21 30.05 -15.20 16.78
N THR A 22 28.99 -15.95 17.06
CA THR A 22 27.64 -15.39 17.05
C THR A 22 26.93 -15.68 18.35
N VAL A 23 26.30 -14.65 18.92
CA VAL A 23 25.65 -14.74 20.20
C VAL A 23 24.17 -14.46 20.00
N LEU A 24 23.32 -15.33 20.53
CA LEU A 24 21.88 -15.15 20.37
C LEU A 24 21.20 -14.79 21.68
N ILE A 25 20.68 -13.57 21.76
CA ILE A 25 19.94 -13.15 22.93
C ILE A 25 18.54 -13.73 22.83
N GLU A 26 18.21 -14.67 23.70
CA GLU A 26 16.86 -15.19 23.75
C GLU A 26 16.18 -14.83 25.07
N GLY A 27 14.86 -14.82 25.07
CA GLY A 27 14.06 -14.51 26.25
C GLY A 27 12.60 -14.26 25.92
N ASN A 28 11.75 -14.33 26.94
CA ASN A 28 10.32 -14.07 26.79
C ASN A 28 10.08 -12.62 26.38
N ILE A 29 8.86 -12.30 25.97
CA ILE A 29 8.49 -10.90 25.71
C ILE A 29 8.64 -10.16 27.04
N GLY A 30 9.39 -9.05 27.03
CA GLY A 30 9.58 -8.25 28.26
C GLY A 30 10.58 -8.89 29.22
N SER A 31 11.55 -9.62 28.70
CA SER A 31 12.62 -10.13 29.55
C SER A 31 13.83 -9.17 29.55
N GLY A 32 13.65 -7.99 28.95
CA GLY A 32 14.69 -6.97 28.95
C GLY A 32 15.73 -7.10 27.84
N LYS A 33 15.34 -7.73 26.72
CA LYS A 33 16.25 -8.02 25.60
C LYS A 33 16.80 -6.79 24.90
N THR A 34 15.94 -5.78 24.68
CA THR A 34 16.35 -4.55 24.01
C THR A 34 17.36 -3.78 24.86
N THR A 35 17.08 -3.71 26.16
CA THR A 35 17.96 -3.08 27.15
C THR A 35 19.30 -3.78 27.10
N TYR A 36 19.27 -5.11 27.12
CA TYR A 36 20.50 -5.88 27.16
C TYR A 36 21.38 -5.64 25.92
N LEU A 37 20.75 -5.52 24.76
CA LEU A 37 21.50 -5.37 23.51
C LEU A 37 22.10 -4.00 23.36
N ASN A 38 21.41 -3.01 23.95
CA ASN A 38 21.89 -1.63 24.02
C ASN A 38 23.20 -1.44 24.76
N HIS A 39 23.42 -2.22 25.82
CA HIS A 39 24.70 -2.14 26.53
C HIS A 39 25.89 -2.23 25.56
N PHE A 40 25.71 -2.99 24.48
CA PHE A 40 26.78 -3.23 23.51
C PHE A 40 26.95 -2.12 22.48
N GLU A 41 26.03 -1.15 22.45
CA GLU A 41 25.98 -0.13 21.40
C GLU A 41 27.20 0.77 21.34
N LYS A 42 27.89 0.93 22.46
CA LYS A 42 29.13 1.69 22.45
C LYS A 42 30.26 0.96 21.73
N TYR A 43 30.01 -0.31 21.42
CA TYR A 43 30.96 -1.11 20.68
C TYR A 43 30.50 -1.43 19.26
N LYS A 44 29.46 -0.73 18.82
CA LYS A 44 29.12 -0.58 17.40
C LYS A 44 30.26 -1.00 16.45
N ASN A 45 31.43 -0.38 16.62
CA ASN A 45 32.54 -0.51 15.68
C ASN A 45 33.20 -1.89 15.62
N ASP A 46 33.10 -2.65 16.70
CA ASP A 46 33.74 -3.95 16.76
C ASP A 46 32.73 -5.12 16.84
N ILE A 47 31.48 -4.81 17.13
CA ILE A 47 30.45 -5.83 17.26
C ILE A 47 29.32 -5.58 16.25
N CYS A 48 28.87 -6.64 15.57
CA CYS A 48 27.71 -6.57 14.70
C CYS A 48 26.41 -6.77 15.50
N LEU A 49 25.57 -5.75 15.57
CA LEU A 49 24.38 -5.79 16.42
C LEU A 49 23.07 -5.75 15.63
N LEU A 50 22.35 -6.86 15.62
CA LEU A 50 21.13 -6.96 14.88
C LEU A 50 19.95 -7.17 15.80
N THR A 51 19.12 -6.14 15.95
CA THR A 51 17.88 -6.28 16.71
C THR A 51 16.87 -7.11 15.91
N GLU A 52 15.93 -7.72 16.61
CA GLU A 52 14.80 -8.44 16.01
C GLU A 52 14.18 -7.57 14.90
N PRO A 53 13.98 -8.13 13.69
CA PRO A 53 13.52 -7.35 12.54
C PRO A 53 12.02 -7.01 12.54
N VAL A 54 11.49 -6.54 13.66
CA VAL A 54 10.10 -6.12 13.78
C VAL A 54 9.75 -5.07 12.73
N GLU A 55 10.68 -4.15 12.46
CA GLU A 55 10.42 -3.09 11.48
C GLU A 55 10.09 -3.67 10.13
N LYS A 56 10.87 -4.66 9.71
CA LYS A 56 10.59 -5.40 8.49
C LYS A 56 9.21 -6.03 8.56
N TRP A 57 8.87 -6.70 9.68
CA TRP A 57 7.54 -7.30 9.80
C TRP A 57 6.40 -6.26 9.71
N ARG A 58 6.69 -5.03 10.14
CA ARG A 58 5.68 -3.97 10.13
C ARG A 58 5.50 -3.36 8.75
N ASN A 59 6.41 -3.67 7.85
CA ASN A 59 6.37 -3.06 6.53
C ASN A 59 6.91 -3.96 5.42
N VAL A 60 6.10 -4.90 4.94
CA VAL A 60 6.49 -5.73 3.80
C VAL A 60 5.92 -5.06 2.55
N ASN A 61 6.80 -4.40 1.81
CA ASN A 61 6.42 -3.48 0.74
C ASN A 61 5.09 -2.74 1.01
N GLY A 62 4.94 -2.18 2.21
CA GLY A 62 3.72 -1.47 2.56
C GLY A 62 2.76 -2.23 3.44
N VAL A 63 2.77 -3.56 3.38
CA VAL A 63 1.84 -4.33 4.21
C VAL A 63 2.41 -4.51 5.62
N ASN A 64 1.57 -4.27 6.62
CA ASN A 64 1.92 -4.49 8.03
C ASN A 64 1.45 -5.85 8.50
N LEU A 65 2.34 -6.84 8.36
CA LEU A 65 2.05 -8.21 8.73
C LEU A 65 1.85 -8.41 10.21
N LEU A 66 2.52 -7.61 11.02
CA LEU A 66 2.35 -7.72 12.48
C LEU A 66 0.88 -7.44 12.90
N GLU A 67 0.36 -6.26 12.53
CA GLU A 67 -1.02 -5.86 12.84
C GLU A 67 -2.04 -6.88 12.34
N LEU A 68 -1.88 -7.29 11.08
CA LEU A 68 -2.76 -8.27 10.45
C LEU A 68 -2.83 -9.56 11.24
N MET A 69 -1.72 -9.92 11.88
CA MET A 69 -1.62 -11.18 12.58
C MET A 69 -2.42 -11.11 13.87
N TYR A 70 -2.23 -9.98 14.56
CA TYR A 70 -2.99 -9.67 15.77
C TYR A 70 -4.47 -9.66 15.40
N LYS A 71 -4.81 -8.90 14.35
CA LYS A 71 -6.19 -8.76 13.86
C LYS A 71 -6.93 -10.08 13.60
N ASP A 72 -6.27 -11.08 12.98
CA ASP A 72 -6.90 -12.33 12.51
C ASP A 72 -5.84 -13.45 12.37
N PRO A 73 -5.45 -14.04 13.50
CA PRO A 73 -4.37 -15.04 13.53
C PRO A 73 -4.61 -16.26 12.65
N LYS A 74 -5.83 -16.78 12.63
CA LYS A 74 -6.12 -18.01 11.85
C LYS A 74 -5.71 -17.87 10.37
N LYS A 75 -5.85 -16.65 9.86
CA LYS A 75 -5.61 -16.34 8.45
C LYS A 75 -4.14 -15.95 8.22
N TRP A 76 -3.61 -15.08 9.08
CA TRP A 76 -2.30 -14.43 8.87
C TRP A 76 -1.10 -15.00 9.63
N ALA A 77 -1.30 -15.90 10.58
CA ALA A 77 -0.16 -16.48 11.33
C ALA A 77 0.86 -17.18 10.42
N MET A 78 0.36 -17.97 9.47
CA MET A 78 1.19 -18.67 8.49
C MET A 78 2.09 -17.70 7.70
N PRO A 79 1.50 -16.75 6.94
CA PRO A 79 2.41 -15.85 6.23
C PRO A 79 3.33 -15.04 7.14
N PHE A 80 2.81 -14.59 8.28
CA PHE A 80 3.63 -13.88 9.26
C PHE A 80 4.86 -14.69 9.71
N GLN A 81 4.65 -15.91 10.19
CA GLN A 81 5.74 -16.76 10.70
C GLN A 81 6.67 -17.16 9.58
N SER A 82 6.11 -17.43 8.41
CA SER A 82 6.92 -17.67 7.22
C SER A 82 7.84 -16.49 6.97
N TYR A 83 7.31 -15.26 7.04
CA TYR A 83 8.11 -14.07 6.84
C TYR A 83 9.14 -13.83 7.97
N VAL A 84 8.73 -14.07 9.21
CA VAL A 84 9.66 -13.98 10.35
C VAL A 84 10.85 -14.90 10.07
N THR A 85 10.55 -16.14 9.71
CA THR A 85 11.58 -17.11 9.39
C THR A 85 12.54 -16.53 8.38
N LEU A 86 12.02 -15.95 7.32
CA LEU A 86 12.89 -15.38 6.31
C LEU A 86 13.78 -14.28 6.87
N THR A 87 13.21 -13.38 7.67
CA THR A 87 14.00 -12.26 8.18
C THR A 87 15.10 -12.75 9.08
N MET A 88 14.82 -13.80 9.83
CA MET A 88 15.81 -14.38 10.69
C MET A 88 16.96 -14.87 9.84
N LEU A 89 16.65 -15.60 8.77
CA LEU A 89 17.72 -16.07 7.88
C LEU A 89 18.53 -14.89 7.31
N GLN A 90 17.82 -13.80 7.00
CA GLN A 90 18.47 -12.65 6.45
C GLN A 90 19.50 -12.15 7.45
N SER A 91 19.10 -11.99 8.71
CA SER A 91 20.06 -11.63 9.75
C SER A 91 21.12 -12.71 9.89
N HIS A 92 20.70 -13.96 10.04
CA HIS A 92 21.66 -15.03 10.28
C HIS A 92 22.76 -15.08 9.23
N THR A 93 22.44 -14.75 7.99
CA THR A 93 23.38 -14.97 6.89
C THR A 93 23.98 -13.68 6.37
N ALA A 94 23.58 -12.55 6.93
CA ALA A 94 24.11 -11.24 6.55
C ALA A 94 25.64 -11.23 6.66
N PRO A 95 26.34 -10.65 5.68
CA PRO A 95 27.80 -10.66 5.86
C PRO A 95 28.25 -9.52 6.79
N THR A 96 29.42 -9.69 7.38
CA THR A 96 30.02 -8.69 8.26
C THR A 96 31.50 -8.96 8.42
N ASN A 97 32.27 -7.89 8.49
CA ASN A 97 33.71 -8.00 8.71
C ASN A 97 34.10 -7.95 10.21
N LYS A 98 33.12 -7.72 11.08
CA LYS A 98 33.35 -7.73 12.52
C LYS A 98 33.68 -9.14 13.06
N LYS A 99 34.38 -9.19 14.18
CA LYS A 99 34.85 -10.46 14.73
C LYS A 99 33.88 -11.05 15.75
N LEU A 100 32.77 -10.36 15.99
CA LEU A 100 31.73 -10.83 16.90
C LEU A 100 30.38 -10.26 16.51
N LYS A 101 29.34 -11.08 16.63
CA LYS A 101 28.02 -10.74 16.13
C LYS A 101 26.96 -11.19 17.11
N ILE A 102 26.05 -10.28 17.45
CA ILE A 102 25.00 -10.58 18.40
C ILE A 102 23.64 -10.29 17.79
N MET A 103 22.73 -11.28 17.89
CA MET A 103 21.35 -11.14 17.40
C MET A 103 20.32 -11.24 18.53
N GLU A 104 19.31 -10.37 18.45
CA GLU A 104 18.15 -10.43 19.31
C GLU A 104 17.16 -11.40 18.71
N ARG A 105 16.97 -12.54 19.36
CA ARG A 105 16.17 -13.65 18.86
C ARG A 105 16.80 -14.26 17.61
N SER A 106 16.15 -15.27 17.05
CA SER A 106 16.75 -16.11 16.02
C SER A 106 15.69 -16.94 15.33
N ILE A 107 16.12 -17.73 14.35
CA ILE A 107 15.26 -18.68 13.69
C ILE A 107 14.78 -19.70 14.70
N PHE A 108 15.62 -20.01 15.68
CA PHE A 108 15.32 -21.03 16.67
C PHE A 108 14.17 -20.64 17.62
N SER A 109 14.17 -19.40 18.11
CA SER A 109 13.06 -18.98 18.96
C SER A 109 11.78 -18.97 18.14
N ALA A 110 11.87 -18.46 16.92
CA ALA A 110 10.71 -18.44 16.01
C ALA A 110 10.10 -19.81 15.80
N ARG A 111 10.93 -20.82 15.60
CA ARG A 111 10.44 -22.18 15.41
C ARG A 111 9.94 -22.82 16.70
N TYR A 112 10.84 -22.92 17.68
CA TYR A 112 10.57 -23.69 18.90
C TYR A 112 9.63 -22.99 19.89
N CYS A 113 9.60 -21.65 19.86
CA CYS A 113 8.71 -20.96 20.77
C CYS A 113 7.45 -20.43 20.10
N PHE A 114 7.60 -19.53 19.15
CA PHE A 114 6.40 -18.85 18.62
C PHE A 114 5.52 -19.71 17.69
N VAL A 115 6.16 -20.46 16.79
CA VAL A 115 5.42 -21.31 15.87
C VAL A 115 4.79 -22.46 16.65
N GLU A 116 5.57 -23.07 17.53
CA GLU A 116 5.11 -24.20 18.31
C GLU A 116 3.95 -23.80 19.19
N ASN A 117 4.01 -22.59 19.72
CA ASN A 117 2.92 -22.13 20.55
C ASN A 117 1.66 -21.93 19.74
N MET A 118 1.79 -21.39 18.52
CA MET A 118 0.65 -21.15 17.64
C MET A 118 -0.01 -22.46 17.19
N ARG A 119 0.78 -23.53 17.10
CA ARG A 119 0.20 -24.83 16.87
C ARG A 119 -0.70 -25.23 18.06
N ARG A 120 -0.12 -25.21 19.27
CA ARG A 120 -0.84 -25.54 20.49
C ARG A 120 -2.17 -24.81 20.66
N ASN A 121 -2.18 -23.50 20.49
CA ASN A 121 -3.44 -22.77 20.60
C ASN A 121 -4.25 -22.73 19.29
N GLY A 122 -3.86 -23.52 18.30
CA GLY A 122 -4.57 -23.61 17.03
C GLY A 122 -4.71 -22.36 16.16
N SER A 123 -3.80 -21.38 16.32
CA SER A 123 -3.68 -20.31 15.35
C SER A 123 -3.16 -20.84 14.03
N LEU A 124 -2.21 -21.78 14.11
CA LEU A 124 -1.75 -22.55 12.95
C LEU A 124 -2.43 -23.92 12.88
N GLU A 125 -3.31 -24.09 11.92
CA GLU A 125 -3.90 -25.40 11.62
C GLU A 125 -2.87 -26.39 11.10
N GLN A 126 -3.18 -27.68 11.19
CA GLN A 126 -2.22 -28.75 10.89
C GLN A 126 -1.40 -28.55 9.60
N GLY A 127 -2.08 -28.22 8.51
CA GLY A 127 -1.44 -28.00 7.21
C GLY A 127 -0.46 -26.86 7.17
N MET A 128 -0.82 -25.77 7.85
CA MET A 128 0.06 -24.63 7.98
C MET A 128 1.31 -24.91 8.79
N TYR A 129 1.12 -25.46 9.97
CA TYR A 129 2.23 -25.83 10.81
C TYR A 129 3.22 -26.71 10.05
N ASN A 130 2.71 -27.72 9.35
CA ASN A 130 3.55 -28.68 8.62
C ASN A 130 4.38 -28.05 7.51
N THR A 131 3.81 -27.07 6.82
CA THR A 131 4.51 -26.39 5.73
C THR A 131 5.72 -25.65 6.29
N LEU A 132 5.51 -24.93 7.38
CA LEU A 132 6.59 -24.27 8.08
C LEU A 132 7.67 -25.27 8.55
N GLU A 133 7.22 -26.42 9.09
CA GLU A 133 8.15 -27.42 9.60
C GLU A 133 9.01 -28.01 8.51
N GLU A 134 8.39 -28.31 7.37
CA GLU A 134 9.10 -28.81 6.23
C GLU A 134 10.17 -27.82 5.76
N TRP A 135 9.81 -26.55 5.71
CA TRP A 135 10.76 -25.48 5.46
C TRP A 135 11.88 -25.45 6.52
N TYR A 136 11.54 -25.53 7.81
CA TYR A 136 12.59 -25.56 8.84
C TYR A 136 13.61 -26.67 8.63
N LYS A 137 13.14 -27.84 8.21
CA LYS A 137 14.00 -28.98 7.93
C LYS A 137 14.83 -28.72 6.70
N PHE A 138 14.27 -28.12 5.66
CA PHE A 138 15.04 -27.85 4.45
C PHE A 138 16.06 -26.76 4.72
N ILE A 139 15.70 -25.82 5.57
CA ILE A 139 16.62 -24.76 5.94
C ILE A 139 17.88 -25.31 6.64
N GLU A 140 17.73 -26.29 7.55
CA GLU A 140 18.93 -26.86 8.14
C GLU A 140 19.84 -27.65 7.21
N GLU A 141 19.28 -28.19 6.13
CA GLU A 141 20.10 -28.89 5.13
C GLU A 141 20.84 -27.92 4.24
N SER A 142 20.28 -26.74 4.04
CA SER A 142 20.72 -25.87 2.95
C SER A 142 21.38 -24.59 3.39
N ILE A 143 20.99 -24.09 4.55
CA ILE A 143 21.45 -22.78 5.01
C ILE A 143 22.22 -22.88 6.33
N HIS A 144 23.41 -22.32 6.38
CA HIS A 144 24.22 -22.32 7.62
C HIS A 144 23.72 -21.27 8.62
N VAL A 145 23.25 -21.71 9.79
CA VAL A 145 22.91 -20.80 10.87
C VAL A 145 23.97 -20.82 11.96
N GLN A 146 24.84 -19.82 11.93
CA GLN A 146 25.89 -19.66 12.93
C GLN A 146 25.28 -19.35 14.26
N ALA A 147 25.59 -20.18 15.25
CA ALA A 147 25.12 -19.98 16.62
C ALA A 147 26.11 -20.62 17.62
N ASP A 148 26.88 -19.77 18.32
CA ASP A 148 27.93 -20.24 19.25
C ASP A 148 27.58 -20.15 20.71
N LEU A 149 26.72 -19.20 21.06
CA LEU A 149 26.31 -19.02 22.44
C LEU A 149 24.95 -18.38 22.47
N ILE A 150 24.03 -18.98 23.22
CA ILE A 150 22.75 -18.35 23.51
C ILE A 150 22.88 -17.71 24.88
N ILE A 151 22.38 -16.49 25.03
CA ILE A 151 22.25 -15.87 26.33
C ILE A 151 20.77 -15.81 26.65
N TYR A 152 20.36 -16.61 27.62
CA TYR A 152 18.96 -16.71 28.02
C TYR A 152 18.65 -15.74 29.15
N LEU A 153 17.90 -14.69 28.83
CA LEU A 153 17.40 -13.76 29.84
C LEU A 153 16.15 -14.38 30.43
N ARG A 154 16.38 -15.32 31.35
CA ARG A 154 15.32 -16.01 32.04
C ARG A 154 14.58 -15.10 33.02
N THR A 155 13.25 -15.18 32.99
CA THR A 155 12.39 -14.37 33.84
C THR A 155 11.20 -15.19 34.31
N SER A 156 10.32 -14.54 35.06
CA SER A 156 9.10 -15.19 35.45
C SER A 156 7.97 -14.47 34.72
N PRO A 157 7.00 -15.22 34.19
CA PRO A 157 5.91 -14.67 33.39
C PRO A 157 5.31 -13.41 34.02
N GLU A 158 5.16 -13.45 35.35
CA GLU A 158 4.57 -12.37 36.13
C GLU A 158 5.43 -11.11 36.09
N VAL A 159 6.74 -11.28 36.25
CA VAL A 159 7.67 -10.13 36.16
C VAL A 159 7.65 -9.53 34.77
N ALA A 160 7.67 -10.42 33.77
CA ALA A 160 7.56 -10.02 32.39
C ALA A 160 6.25 -9.26 32.20
N TYR A 161 5.21 -9.74 32.87
CA TYR A 161 3.93 -9.06 32.78
C TYR A 161 4.00 -7.57 33.16
N GLU A 162 4.60 -7.26 34.32
CA GLU A 162 4.77 -5.87 34.78
C GLU A 162 5.27 -4.91 33.69
N ARG A 163 6.24 -5.33 32.88
CA ARG A 163 6.62 -4.52 31.71
C ARG A 163 6.14 -5.26 30.46
N CYS A 174 0.78 -4.86 26.18
CA CYS A 174 -0.23 -5.52 27.02
C CYS A 174 -0.74 -6.83 26.38
N VAL A 175 0.19 -7.79 26.30
CA VAL A 175 -0.11 -9.16 25.93
C VAL A 175 -0.67 -9.86 27.18
N PRO A 176 -1.62 -10.78 26.97
CA PRO A 176 -2.17 -11.51 28.13
C PRO A 176 -1.10 -12.31 28.89
N LEU A 177 -1.34 -12.57 30.17
CA LEU A 177 -0.41 -13.31 31.00
C LEU A 177 -0.29 -14.79 30.62
N LYS A 178 -1.41 -15.40 30.25
CA LYS A 178 -1.43 -16.82 29.86
C LYS A 178 -0.46 -17.09 28.68
N TYR A 179 -0.43 -16.15 27.74
CA TYR A 179 0.44 -16.20 26.58
C TYR A 179 1.90 -16.21 27.02
N LEU A 180 2.23 -15.32 27.95
CA LEU A 180 3.60 -15.24 28.48
C LEU A 180 4.02 -16.48 29.22
N GLN A 181 3.07 -17.15 29.90
CA GLN A 181 3.35 -18.43 30.55
C GLN A 181 3.65 -19.55 29.56
N GLU A 182 2.80 -19.65 28.53
CA GLU A 182 3.00 -20.58 27.41
C GLU A 182 4.39 -20.39 26.81
N LEU A 183 4.71 -19.16 26.45
CA LEU A 183 5.99 -18.84 25.85
C LEU A 183 7.15 -19.15 26.81
N HIS A 184 6.93 -18.89 28.09
CA HIS A 184 7.90 -19.19 29.14
C HIS A 184 8.21 -20.67 29.17
N GLU A 185 7.17 -21.51 29.18
CA GLU A 185 7.39 -22.96 29.24
C GLU A 185 8.18 -23.46 28.03
N LEU A 186 7.84 -22.90 26.86
CA LEU A 186 8.53 -23.25 25.62
C LEU A 186 10.00 -22.85 25.61
N HIS A 187 10.32 -21.65 26.11
CA HIS A 187 11.72 -21.25 26.28
C HIS A 187 12.44 -22.16 27.29
N GLU A 188 11.72 -22.49 28.38
CA GLU A 188 12.24 -23.39 29.41
C GLU A 188 12.55 -24.78 28.82
N ASP A 189 11.59 -25.32 28.05
CA ASP A 189 11.77 -26.64 27.41
C ASP A 189 12.98 -26.64 26.49
N TRP A 190 13.08 -25.63 25.63
CA TRP A 190 14.15 -25.52 24.65
C TRP A 190 15.54 -25.27 25.24
N LEU A 191 15.62 -24.44 26.27
CA LEU A 191 16.92 -23.95 26.75
C LEU A 191 17.45 -24.54 28.08
N ILE A 192 16.54 -25.05 28.92
CA ILE A 192 16.95 -25.58 30.22
C ILE A 192 16.86 -27.10 30.23
N HIS A 193 15.68 -27.62 29.90
CA HIS A 193 15.46 -29.07 29.91
C HIS A 193 16.03 -29.73 28.64
N PRO A 197 17.72 -30.32 18.85
CA PRO A 197 18.42 -30.59 20.12
C PRO A 197 19.38 -29.45 20.48
N GLN A 198 20.40 -29.24 19.65
CA GLN A 198 21.33 -28.09 19.73
C GLN A 198 22.35 -28.16 20.89
N SER A 199 23.57 -28.62 20.56
CA SER A 199 24.71 -28.66 21.50
C SER A 199 25.46 -27.32 21.52
N CYS A 200 24.72 -26.23 21.24
CA CYS A 200 25.18 -24.84 21.41
C CYS A 200 25.09 -24.44 22.88
N LYS A 201 26.14 -23.81 23.39
CA LYS A 201 26.20 -23.46 24.82
C LYS A 201 25.23 -22.36 25.25
N VAL A 202 24.51 -22.59 26.36
CA VAL A 202 23.50 -21.67 26.88
C VAL A 202 23.97 -21.01 28.17
N LEU A 203 23.61 -19.74 28.35
CA LEU A 203 24.05 -18.96 29.49
C LEU A 203 22.84 -18.32 30.14
N VAL A 204 22.40 -18.89 31.26
CA VAL A 204 21.20 -18.40 31.92
C VAL A 204 21.50 -17.16 32.78
N LEU A 205 20.69 -16.12 32.61
CA LEU A 205 20.78 -14.93 33.46
C LEU A 205 19.45 -14.69 34.14
N ASP A 206 19.50 -14.30 35.42
CA ASP A 206 18.29 -13.96 36.12
C ASP A 206 17.94 -12.52 35.79
N ALA A 207 16.90 -12.34 34.98
CA ALA A 207 16.45 -11.01 34.59
C ALA A 207 15.23 -10.57 35.40
N ASP A 208 15.20 -10.97 36.68
CA ASP A 208 14.10 -10.61 37.59
C ASP A 208 14.46 -9.44 38.52
N THR B 12 29.58 -21.02 -3.11
CA THR B 12 28.93 -20.44 -1.91
C THR B 12 27.39 -20.58 -1.82
N LYS B 13 26.71 -20.80 -2.93
CA LYS B 13 25.28 -21.12 -2.92
C LYS B 13 25.04 -22.62 -2.74
N TYR B 14 24.02 -22.99 -1.98
CA TYR B 14 23.71 -24.39 -1.75
C TYR B 14 23.44 -25.12 -3.06
N ALA B 15 24.04 -26.30 -3.17
CA ALA B 15 23.93 -27.19 -4.33
C ALA B 15 24.71 -26.72 -5.57
N GLU B 16 25.45 -25.63 -5.43
CA GLU B 16 26.35 -25.17 -6.50
C GLU B 16 27.35 -26.26 -6.84
N GLY B 17 27.52 -26.48 -8.15
CA GLY B 17 28.45 -27.49 -8.66
C GLY B 17 28.05 -28.92 -8.42
N THR B 18 26.83 -29.15 -7.97
CA THR B 18 26.37 -30.53 -7.69
C THR B 18 25.40 -31.11 -8.74
N GLN B 19 25.08 -30.34 -9.77
CA GLN B 19 24.00 -30.72 -10.68
C GLN B 19 24.46 -30.89 -12.13
N PRO B 20 23.91 -31.90 -12.82
CA PRO B 20 24.20 -32.12 -14.23
C PRO B 20 23.35 -31.20 -15.09
N PHE B 21 23.58 -31.23 -16.40
CA PHE B 21 22.75 -30.52 -17.35
C PHE B 21 21.28 -30.79 -16.98
N THR B 22 20.49 -29.72 -16.87
CA THR B 22 19.11 -29.85 -16.41
C THR B 22 18.13 -29.24 -17.42
N VAL B 23 17.07 -30.00 -17.68
CA VAL B 23 16.04 -29.65 -18.63
C VAL B 23 14.74 -29.48 -17.87
N LEU B 24 14.08 -28.35 -18.08
CA LEU B 24 12.78 -28.10 -17.46
C LEU B 24 11.63 -28.21 -18.46
N ILE B 25 10.72 -29.16 -18.24
CA ILE B 25 9.52 -29.29 -19.07
C ILE B 25 8.48 -28.32 -18.57
N GLU B 26 8.24 -27.25 -19.30
CA GLU B 26 7.16 -26.34 -18.91
C GLU B 26 5.96 -26.41 -19.87
N GLY B 27 4.81 -25.96 -19.40
CA GLY B 27 3.58 -26.03 -20.18
C GLY B 27 2.34 -25.80 -19.33
N ASN B 28 1.25 -25.44 -19.99
CA ASN B 28 -0.03 -25.23 -19.31
C ASN B 28 -0.55 -26.56 -18.75
N ILE B 29 -1.56 -26.51 -17.90
CA ILE B 29 -2.24 -27.75 -17.50
C ILE B 29 -2.77 -28.41 -18.77
N GLY B 30 -2.49 -29.70 -18.95
CA GLY B 30 -2.97 -30.43 -20.11
C GLY B 30 -2.24 -30.09 -21.39
N SER B 31 -0.97 -29.73 -21.29
CA SER B 31 -0.16 -29.53 -22.47
C SER B 31 0.58 -30.79 -22.91
N GLY B 32 0.36 -31.88 -22.18
CA GLY B 32 0.93 -33.16 -22.51
C GLY B 32 2.24 -33.44 -21.82
N LYS B 33 2.48 -32.74 -20.70
CA LYS B 33 3.76 -32.84 -19.99
C LYS B 33 4.11 -34.23 -19.48
N THR B 34 3.13 -34.93 -18.91
CA THR B 34 3.36 -36.28 -18.37
C THR B 34 3.72 -37.23 -19.51
N THR B 35 2.97 -37.14 -20.61
CA THR B 35 3.22 -37.96 -21.79
C THR B 35 4.63 -37.72 -22.32
N TYR B 36 5.04 -36.46 -22.34
CA TYR B 36 6.35 -36.12 -22.86
C TYR B 36 7.48 -36.67 -22.00
N LEU B 37 7.30 -36.64 -20.68
CA LEU B 37 8.35 -37.10 -19.76
C LEU B 37 8.52 -38.63 -19.82
N ASN B 38 7.40 -39.31 -20.02
CA ASN B 38 7.35 -40.76 -20.16
C ASN B 38 8.21 -41.30 -21.31
N HIS B 39 8.28 -40.56 -22.41
CA HIS B 39 9.14 -40.98 -23.52
C HIS B 39 10.56 -41.28 -23.06
N PHE B 40 10.99 -40.60 -21.99
CA PHE B 40 12.34 -40.74 -21.45
C PHE B 40 12.53 -41.91 -20.49
N GLU B 41 11.42 -42.51 -20.05
CA GLU B 41 11.43 -43.52 -18.98
C GLU B 41 12.29 -44.76 -19.32
N LYS B 42 12.40 -45.09 -20.61
CA LYS B 42 13.26 -46.19 -21.03
C LYS B 42 14.75 -45.87 -20.81
N TYR B 43 15.05 -44.61 -20.51
CA TYR B 43 16.40 -44.18 -20.19
C TYR B 43 16.61 -43.85 -18.71
N LYS B 44 15.64 -44.26 -17.89
CA LYS B 44 15.78 -44.36 -16.43
C LYS B 44 17.23 -44.36 -15.96
N ASN B 45 18.04 -45.25 -16.54
CA ASN B 45 19.37 -45.55 -16.05
C ASN B 45 20.38 -44.45 -16.30
N ASP B 46 20.13 -43.65 -17.33
CA ASP B 46 21.07 -42.58 -17.71
C ASP B 46 20.55 -41.16 -17.49
N ILE B 47 19.23 -41.02 -17.31
CA ILE B 47 18.60 -39.74 -17.10
C ILE B 47 17.86 -39.69 -15.77
N CYS B 48 18.04 -38.59 -15.02
CA CYS B 48 17.30 -38.38 -13.79
C CYS B 48 15.94 -37.75 -14.09
N LEU B 49 14.87 -38.46 -13.79
CA LEU B 49 13.52 -38.02 -14.17
C LEU B 49 12.64 -37.69 -12.98
N LEU B 50 12.37 -36.39 -12.80
CA LEU B 50 11.57 -35.93 -11.67
C LEU B 50 10.24 -35.33 -12.12
N THR B 51 9.15 -36.05 -11.90
CA THR B 51 7.84 -35.51 -12.14
C THR B 51 7.48 -34.47 -11.07
N GLU B 52 6.57 -33.57 -11.44
CA GLU B 52 5.99 -32.60 -10.54
C GLU B 52 5.59 -33.29 -9.23
N PRO B 53 5.98 -32.72 -8.08
CA PRO B 53 5.75 -33.40 -6.81
C PRO B 53 4.32 -33.31 -6.26
N VAL B 54 3.32 -33.56 -7.11
CA VAL B 54 1.91 -33.51 -6.70
C VAL B 54 1.65 -34.44 -5.52
N GLU B 55 2.33 -35.57 -5.52
CA GLU B 55 2.13 -36.58 -4.49
C GLU B 55 2.48 -36.03 -3.12
N LYS B 56 3.60 -35.30 -3.07
CA LYS B 56 3.97 -34.56 -1.87
C LYS B 56 2.92 -33.53 -1.47
N TRP B 57 2.39 -32.78 -2.43
CA TRP B 57 1.36 -31.78 -2.11
C TRP B 57 0.09 -32.42 -1.56
N ARG B 58 -0.21 -33.62 -2.05
CA ARG B 58 -1.40 -34.34 -1.60
C ARG B 58 -1.26 -34.96 -0.19
N ASN B 59 -0.05 -34.98 0.34
CA ASN B 59 0.18 -35.64 1.61
C ASN B 59 1.34 -34.99 2.38
N VAL B 60 1.05 -33.89 3.08
CA VAL B 60 2.06 -33.29 3.94
C VAL B 60 1.82 -33.79 5.34
N ASN B 61 2.64 -34.74 5.76
CA ASN B 61 2.42 -35.56 6.94
C ASN B 61 0.95 -35.84 7.18
N GLY B 62 0.23 -36.25 6.14
CA GLY B 62 -1.17 -36.55 6.27
C GLY B 62 -2.08 -35.49 5.73
N VAL B 63 -1.67 -34.24 5.73
CA VAL B 63 -2.57 -33.18 5.27
C VAL B 63 -2.53 -33.08 3.76
N ASN B 64 -3.72 -33.05 3.13
CA ASN B 64 -3.83 -32.83 1.70
C ASN B 64 -3.98 -31.36 1.37
N LEU B 65 -2.84 -30.72 1.10
CA LEU B 65 -2.80 -29.31 0.78
C LEU B 65 -3.46 -28.96 -0.55
N LEU B 66 -3.33 -29.85 -1.54
CA LEU B 66 -3.96 -29.62 -2.84
C LEU B 66 -5.47 -29.42 -2.73
N GLU B 67 -6.14 -30.40 -2.11
CA GLU B 67 -7.56 -30.36 -1.86
C GLU B 67 -7.99 -29.06 -1.16
N LEU B 68 -7.39 -28.83 0.01
CA LEU B 68 -7.68 -27.66 0.84
C LEU B 68 -7.62 -26.37 0.06
N MET B 69 -6.69 -26.31 -0.90
CA MET B 69 -6.48 -25.12 -1.71
C MET B 69 -7.69 -24.90 -2.62
N TYR B 70 -8.11 -25.96 -3.28
CA TYR B 70 -9.25 -25.91 -4.16
C TYR B 70 -10.52 -25.45 -3.43
N LYS B 71 -10.73 -25.99 -2.23
CA LYS B 71 -11.89 -25.70 -1.40
C LYS B 71 -11.94 -24.27 -0.88
N ASP B 72 -10.80 -23.74 -0.44
CA ASP B 72 -10.76 -22.41 0.16
C ASP B 72 -9.42 -21.70 -0.17
N PRO B 73 -9.28 -21.19 -1.42
CA PRO B 73 -8.05 -20.57 -1.89
C PRO B 73 -7.61 -19.37 -1.05
N LYS B 74 -8.54 -18.54 -0.61
CA LYS B 74 -8.16 -17.33 0.16
C LYS B 74 -7.34 -17.65 1.40
N LYS B 75 -7.60 -18.83 1.96
CA LYS B 75 -7.01 -19.27 3.22
C LYS B 75 -5.75 -20.08 2.94
N TRP B 76 -5.84 -21.02 1.99
CA TRP B 76 -4.82 -22.05 1.80
C TRP B 76 -3.82 -21.84 0.64
N ALA B 77 -4.04 -20.82 -0.18
CA ALA B 77 -3.15 -20.58 -1.32
C ALA B 77 -1.73 -20.29 -0.89
N MET B 78 -1.59 -19.42 0.10
CA MET B 78 -0.29 -19.10 0.71
C MET B 78 0.50 -20.34 1.19
N PRO B 79 -0.07 -21.13 2.13
CA PRO B 79 0.72 -22.29 2.55
C PRO B 79 0.99 -23.28 1.43
N PHE B 80 0.02 -23.47 0.54
CA PHE B 80 0.17 -24.36 -0.63
C PHE B 80 1.33 -23.93 -1.55
N GLN B 81 1.34 -22.66 -1.96
CA GLN B 81 2.39 -22.16 -2.85
C GLN B 81 3.75 -22.14 -2.17
N SER B 82 3.74 -21.81 -0.88
CA SER B 82 4.91 -21.90 -0.05
C SER B 82 5.44 -23.33 -0.07
N TYR B 83 4.55 -24.31 0.08
CA TYR B 83 4.99 -25.68 0.06
C TYR B 83 5.46 -26.12 -1.33
N VAL B 84 4.78 -25.65 -2.38
CA VAL B 84 5.15 -25.99 -3.74
C VAL B 84 6.58 -25.56 -3.97
N THR B 85 6.85 -24.30 -3.67
CA THR B 85 8.18 -23.73 -3.77
C THR B 85 9.21 -24.65 -3.14
N LEU B 86 8.91 -25.13 -1.93
CA LEU B 86 9.81 -26.01 -1.20
C LEU B 86 10.09 -27.29 -1.95
N THR B 87 9.02 -27.96 -2.38
CA THR B 87 9.17 -29.20 -3.14
C THR B 87 9.97 -28.97 -4.39
N MET B 88 9.75 -27.84 -5.05
CA MET B 88 10.54 -27.50 -6.21
C MET B 88 12.01 -27.46 -5.89
N LEU B 89 12.35 -26.79 -4.80
CA LEU B 89 13.74 -26.70 -4.36
C LEU B 89 14.31 -28.09 -4.06
N GLN B 90 13.49 -28.91 -3.42
CA GLN B 90 13.91 -30.24 -3.11
C GLN B 90 14.33 -30.96 -4.39
N SER B 91 13.48 -30.92 -5.43
CA SER B 91 13.83 -31.50 -6.71
C SER B 91 15.05 -30.80 -7.30
N HIS B 92 14.99 -29.48 -7.39
CA HIS B 92 16.10 -28.74 -7.99
C HIS B 92 17.44 -29.08 -7.37
N THR B 93 17.47 -29.37 -6.07
CA THR B 93 18.76 -29.54 -5.37
C THR B 93 19.08 -30.97 -5.03
N ALA B 94 18.18 -31.89 -5.36
CA ALA B 94 18.41 -33.32 -5.13
C ALA B 94 19.68 -33.81 -5.81
N PRO B 95 20.48 -34.63 -5.09
CA PRO B 95 21.73 -35.02 -5.76
C PRO B 95 21.46 -36.19 -6.72
N THR B 96 22.34 -36.36 -7.70
CA THR B 96 22.26 -37.44 -8.66
C THR B 96 23.61 -37.66 -9.31
N ASN B 97 23.92 -38.91 -9.62
CA ASN B 97 25.13 -39.19 -10.36
C ASN B 97 24.93 -39.21 -11.86
N LYS B 98 23.68 -39.08 -12.32
CA LYS B 98 23.38 -39.08 -13.75
C LYS B 98 23.95 -37.84 -14.44
N LYS B 99 24.17 -37.95 -15.75
CA LYS B 99 24.80 -36.88 -16.52
C LYS B 99 23.78 -35.96 -17.17
N LEU B 100 22.49 -36.30 -17.03
CA LEU B 100 21.39 -35.46 -17.52
C LEU B 100 20.16 -35.59 -16.61
N LYS B 101 19.44 -34.48 -16.43
CA LYS B 101 18.33 -34.42 -15.46
C LYS B 101 17.19 -33.62 -16.07
N ILE B 102 16.00 -34.18 -15.98
CA ILE B 102 14.82 -33.53 -16.49
C ILE B 102 13.73 -33.43 -15.40
N MET B 103 13.22 -32.21 -15.19
CA MET B 103 12.13 -31.93 -14.26
C MET B 103 10.85 -31.49 -14.98
N GLU B 104 9.71 -32.01 -14.51
CA GLU B 104 8.40 -31.53 -14.90
C GLU B 104 8.06 -30.33 -14.03
N ARG B 105 8.03 -29.15 -14.64
CA ARG B 105 7.82 -27.87 -13.97
C ARG B 105 9.00 -27.53 -13.02
N SER B 106 8.90 -26.41 -12.31
CA SER B 106 10.06 -25.87 -11.65
C SER B 106 9.63 -24.79 -10.67
N ILE B 107 10.59 -24.26 -9.92
CA ILE B 107 10.35 -23.11 -9.10
C ILE B 107 9.91 -21.91 -9.95
N PHE B 108 10.40 -21.84 -11.18
CA PHE B 108 10.09 -20.72 -12.07
C PHE B 108 8.61 -20.69 -12.49
N SER B 109 8.07 -21.81 -12.97
CA SER B 109 6.66 -21.84 -13.31
C SER B 109 5.80 -21.50 -12.09
N ALA B 110 6.14 -22.08 -10.93
CA ALA B 110 5.37 -21.83 -9.72
C ALA B 110 5.36 -20.35 -9.34
N ARG B 111 6.50 -19.66 -9.50
CA ARG B 111 6.56 -18.22 -9.22
C ARG B 111 5.85 -17.37 -10.28
N TYR B 112 6.31 -17.47 -11.53
CA TYR B 112 5.88 -16.59 -12.62
C TYR B 112 4.47 -16.89 -13.16
N CYS B 113 4.03 -18.13 -13.03
CA CYS B 113 2.71 -18.45 -13.55
C CYS B 113 1.70 -18.63 -12.41
N PHE B 114 1.89 -19.63 -11.56
CA PHE B 114 0.84 -19.94 -10.60
C PHE B 114 0.66 -18.91 -9.50
N VAL B 115 1.76 -18.43 -8.95
CA VAL B 115 1.66 -17.48 -7.85
C VAL B 115 1.18 -16.17 -8.42
N GLU B 116 1.80 -15.73 -9.51
CA GLU B 116 1.44 -14.48 -10.16
C GLU B 116 -0.03 -14.44 -10.53
N ASN B 117 -0.55 -15.56 -11.02
CA ASN B 117 -1.95 -15.65 -11.36
C ASN B 117 -2.85 -15.52 -10.15
N MET B 118 -2.48 -16.17 -9.05
CA MET B 118 -3.24 -16.08 -7.80
C MET B 118 -3.26 -14.68 -7.22
N ARG B 119 -2.22 -13.90 -7.49
CA ARG B 119 -2.25 -12.49 -7.13
C ARG B 119 -3.32 -11.76 -7.96
N ARG B 120 -3.21 -11.87 -9.28
CA ARG B 120 -4.18 -11.25 -10.18
C ARG B 120 -5.64 -11.54 -9.83
N ASN B 121 -5.99 -12.80 -9.55
CA ASN B 121 -7.38 -13.12 -9.19
C ASN B 121 -7.67 -13.02 -7.69
N GLY B 122 -6.71 -12.47 -6.95
CA GLY B 122 -6.90 -12.20 -5.53
C GLY B 122 -7.09 -13.39 -4.59
N SER B 123 -6.64 -14.57 -5.03
CA SER B 123 -6.46 -15.69 -4.09
C SER B 123 -5.39 -15.38 -3.06
N LEU B 124 -4.29 -14.77 -3.52
CA LEU B 124 -3.23 -14.27 -2.66
C LEU B 124 -3.40 -12.77 -2.44
N GLU B 125 -3.76 -12.41 -1.22
CA GLU B 125 -3.81 -11.01 -0.81
C GLU B 125 -2.41 -10.43 -0.78
N GLN B 126 -2.32 -9.11 -0.85
CA GLN B 126 -1.04 -8.42 -0.96
C GLN B 126 0.05 -8.94 0.01
N GLY B 127 -0.30 -9.10 1.28
CA GLY B 127 0.66 -9.54 2.30
C GLY B 127 1.22 -10.90 2.03
N MET B 128 0.35 -11.80 1.59
CA MET B 128 0.73 -13.14 1.24
C MET B 128 1.65 -13.20 0.04
N TYR B 129 1.22 -12.60 -1.06
CA TYR B 129 2.05 -12.50 -2.26
C TYR B 129 3.45 -12.00 -1.93
N ASN B 130 3.53 -10.90 -1.19
CA ASN B 130 4.81 -10.30 -0.81
C ASN B 130 5.74 -11.21 -0.01
N THR B 131 5.17 -12.02 0.91
CA THR B 131 5.96 -12.96 1.70
C THR B 131 6.62 -13.96 0.78
N LEU B 132 5.83 -14.52 -0.14
CA LEU B 132 6.36 -15.45 -1.14
C LEU B 132 7.45 -14.79 -2.01
N GLU B 133 7.21 -13.56 -2.45
CA GLU B 133 8.18 -12.85 -3.30
C GLU B 133 9.50 -12.61 -2.62
N GLU B 134 9.43 -12.17 -1.36
CA GLU B 134 10.60 -12.01 -0.53
C GLU B 134 11.40 -13.31 -0.41
N TRP B 135 10.70 -14.43 -0.20
CA TRP B 135 11.31 -15.75 -0.25
C TRP B 135 11.91 -16.07 -1.60
N TYR B 136 11.21 -15.78 -2.70
CA TYR B 136 11.80 -16.01 -4.04
C TYR B 136 13.12 -15.28 -4.23
N LYS B 137 13.17 -14.04 -3.74
CA LYS B 137 14.39 -13.25 -3.82
C LYS B 137 15.50 -13.85 -2.97
N PHE B 138 15.18 -14.24 -1.74
CA PHE B 138 16.19 -14.86 -0.90
C PHE B 138 16.67 -16.18 -1.48
N ILE B 139 15.77 -16.89 -2.14
CA ILE B 139 16.11 -18.17 -2.71
C ILE B 139 17.14 -17.99 -3.81
N GLU B 140 17.04 -16.96 -4.64
CA GLU B 140 18.07 -16.77 -5.69
C GLU B 140 19.43 -16.36 -5.15
N GLU B 141 19.47 -15.73 -3.98
CA GLU B 141 20.75 -15.38 -3.36
C GLU B 141 21.45 -16.59 -2.76
N SER B 142 20.66 -17.54 -2.31
CA SER B 142 21.17 -18.57 -1.41
C SER B 142 21.18 -19.95 -2.01
N ILE B 143 20.30 -20.23 -2.94
CA ILE B 143 20.14 -21.60 -3.45
C ILE B 143 20.36 -21.66 -4.95
N HIS B 144 21.26 -22.55 -5.39
CA HIS B 144 21.53 -22.74 -6.81
C HIS B 144 20.40 -23.50 -7.49
N VAL B 145 19.75 -22.87 -8.47
CA VAL B 145 18.77 -23.59 -9.29
C VAL B 145 19.32 -23.86 -10.68
N GLN B 146 19.78 -25.08 -10.90
CA GLN B 146 20.31 -25.50 -12.21
C GLN B 146 19.19 -25.54 -13.25
N ALA B 147 19.36 -24.73 -14.31
CA ALA B 147 18.40 -24.70 -15.41
C ALA B 147 19.12 -24.35 -16.72
N ASP B 148 19.32 -25.35 -17.58
CA ASP B 148 20.08 -25.20 -18.83
C ASP B 148 19.23 -25.06 -20.09
N LEU B 149 18.03 -25.65 -20.05
CA LEU B 149 17.13 -25.64 -21.19
C LEU B 149 15.71 -25.83 -20.70
N ILE B 150 14.83 -24.93 -21.11
CA ILE B 150 13.40 -25.12 -20.92
C ILE B 150 12.83 -25.70 -22.19
N ILE B 151 12.01 -26.73 -22.07
CA ILE B 151 11.22 -27.20 -23.21
C ILE B 151 9.77 -26.78 -22.93
N TYR B 152 9.31 -25.81 -23.73
CA TYR B 152 7.95 -25.27 -23.65
C TYR B 152 6.96 -26.02 -24.56
N LEU B 153 6.12 -26.85 -23.95
CA LEU B 153 5.06 -27.51 -24.66
C LEU B 153 3.93 -26.50 -24.80
N ARG B 154 4.06 -25.66 -25.83
CA ARG B 154 3.10 -24.62 -26.15
C ARG B 154 1.81 -25.21 -26.74
N THR B 155 0.68 -24.75 -26.24
CA THR B 155 -0.62 -25.22 -26.68
C THR B 155 -1.59 -24.05 -26.70
N SER B 156 -2.82 -24.30 -27.09
CA SER B 156 -3.85 -23.27 -27.05
C SER B 156 -4.80 -23.65 -25.94
N PRO B 157 -5.25 -22.66 -25.15
CA PRO B 157 -6.10 -22.91 -23.99
C PRO B 157 -7.23 -23.87 -24.31
N GLU B 158 -7.80 -23.70 -25.49
CA GLU B 158 -8.91 -24.52 -25.97
C GLU B 158 -8.51 -25.99 -26.11
N VAL B 159 -7.36 -26.24 -26.73
CA VAL B 159 -6.88 -27.62 -26.93
C VAL B 159 -6.56 -28.28 -25.60
N ALA B 160 -5.98 -27.48 -24.70
CA ALA B 160 -5.68 -27.90 -23.35
C ALA B 160 -6.95 -28.19 -22.60
N TYR B 161 -7.93 -27.29 -22.70
CA TYR B 161 -9.23 -27.52 -22.08
C TYR B 161 -9.81 -28.85 -22.55
N GLU B 162 -9.67 -29.11 -23.85
CA GLU B 162 -10.15 -30.32 -24.49
C GLU B 162 -9.44 -31.54 -23.93
N ARG B 163 -8.13 -31.57 -24.13
CA ARG B 163 -7.27 -32.66 -23.66
C ARG B 163 -7.57 -33.09 -22.22
N ILE B 164 -7.82 -32.10 -21.34
CA ILE B 164 -8.21 -32.35 -19.95
C ILE B 164 -9.66 -32.84 -19.83
N ARG B 165 -10.63 -32.11 -20.38
CA ARG B 165 -12.05 -32.56 -20.36
C ARG B 165 -12.18 -34.04 -20.77
N GLN B 166 -11.48 -34.44 -21.84
CA GLN B 166 -11.49 -35.83 -22.31
C GLN B 166 -10.88 -36.82 -21.30
N ARG B 167 -9.87 -36.38 -20.55
CA ARG B 167 -9.08 -37.22 -19.63
C ARG B 167 -9.84 -37.65 -18.38
N CYS B 174 -11.42 -30.87 -13.66
CA CYS B 174 -11.70 -30.09 -14.85
C CYS B 174 -11.60 -28.59 -14.58
N VAL B 175 -10.43 -28.03 -14.91
CA VAL B 175 -10.13 -26.61 -14.76
C VAL B 175 -11.05 -25.79 -15.67
N PRO B 176 -11.61 -24.68 -15.15
CA PRO B 176 -12.32 -23.75 -16.05
C PRO B 176 -11.42 -23.23 -17.17
N LEU B 177 -12.01 -22.83 -18.30
CA LEU B 177 -11.25 -22.38 -19.47
C LEU B 177 -10.55 -21.04 -19.26
N LYS B 178 -11.22 -20.14 -18.55
CA LYS B 178 -10.66 -18.81 -18.26
C LYS B 178 -9.34 -18.90 -17.49
N TYR B 179 -9.24 -19.89 -16.60
CA TYR B 179 -8.05 -20.16 -15.80
C TYR B 179 -6.91 -20.57 -16.71
N LEU B 180 -7.19 -21.52 -17.60
CA LEU B 180 -6.21 -21.96 -18.58
C LEU B 180 -5.72 -20.84 -19.52
N GLN B 181 -6.57 -19.86 -19.81
CA GLN B 181 -6.19 -18.71 -20.61
C GLN B 181 -5.23 -17.81 -19.87
N GLU B 182 -5.58 -17.50 -18.62
CA GLU B 182 -4.74 -16.73 -17.70
C GLU B 182 -3.35 -17.36 -17.56
N LEU B 183 -3.32 -18.65 -17.29
CA LEU B 183 -2.08 -19.39 -17.20
C LEU B 183 -1.32 -19.36 -18.49
N HIS B 184 -2.03 -19.51 -19.61
CA HIS B 184 -1.43 -19.47 -20.95
C HIS B 184 -0.71 -18.15 -21.19
N GLU B 185 -1.38 -17.03 -20.88
CA GLU B 185 -0.76 -15.72 -21.09
C GLU B 185 0.50 -15.57 -20.29
N LEU B 186 0.47 -16.08 -19.06
CA LEU B 186 1.60 -16.00 -18.15
C LEU B 186 2.81 -16.82 -18.65
N HIS B 187 2.55 -18.04 -19.12
CA HIS B 187 3.60 -18.84 -19.75
C HIS B 187 4.13 -18.14 -20.99
N GLU B 188 3.23 -17.56 -21.78
CA GLU B 188 3.59 -16.81 -22.99
C GLU B 188 4.49 -15.62 -22.67
N ASP B 189 4.09 -14.82 -21.67
CA ASP B 189 4.88 -13.69 -21.19
C ASP B 189 6.28 -14.11 -20.76
N TRP B 190 6.35 -15.15 -19.94
CA TRP B 190 7.61 -15.62 -19.36
C TRP B 190 8.55 -16.25 -20.38
N LEU B 191 8.02 -17.05 -21.29
CA LEU B 191 8.84 -17.87 -22.17
C LEU B 191 9.03 -17.36 -23.60
N ILE B 192 8.07 -16.58 -24.12
CA ILE B 192 8.15 -16.10 -25.51
C ILE B 192 8.52 -14.63 -25.60
N HIS B 193 7.76 -13.77 -24.92
CA HIS B 193 7.99 -12.33 -24.94
C HIS B 193 9.08 -11.93 -23.94
N GLN B 194 10.18 -12.67 -23.97
CA GLN B 194 11.34 -12.51 -23.06
C GLN B 194 11.17 -11.47 -21.93
N CYS B 200 18.45 -18.39 -19.95
CA CYS B 200 18.29 -19.83 -20.18
C CYS B 200 17.57 -20.11 -21.51
N LYS B 201 18.12 -21.02 -22.31
CA LYS B 201 17.56 -21.29 -23.65
C LYS B 201 16.21 -22.02 -23.63
N VAL B 202 15.26 -21.52 -24.42
CA VAL B 202 13.90 -22.03 -24.48
C VAL B 202 13.64 -22.71 -25.81
N LEU B 203 12.89 -23.80 -25.77
CA LEU B 203 12.63 -24.61 -26.94
C LEU B 203 11.13 -24.81 -27.07
N VAL B 204 10.53 -24.10 -28.00
CA VAL B 204 9.08 -24.17 -28.17
C VAL B 204 8.69 -25.37 -29.01
N LEU B 205 7.71 -26.13 -28.54
CA LEU B 205 7.15 -27.22 -29.31
C LEU B 205 5.65 -26.98 -29.48
N ASP B 206 5.12 -27.30 -30.66
CA ASP B 206 3.68 -27.23 -30.86
C ASP B 206 3.04 -28.51 -30.34
N ALA B 207 2.35 -28.39 -29.22
CA ALA B 207 1.68 -29.54 -28.61
C ALA B 207 0.20 -29.54 -28.91
N ASP B 208 -0.17 -29.07 -30.10
CA ASP B 208 -1.58 -29.03 -30.55
C ASP B 208 -1.96 -30.18 -31.49
N THR C 12 9.90 15.85 -4.88
CA THR C 12 9.16 16.62 -3.83
C THR C 12 7.63 16.73 -4.04
N LYS C 13 7.15 16.58 -5.28
CA LYS C 13 5.71 16.57 -5.54
C LYS C 13 5.12 15.20 -5.34
N TYR C 14 3.89 15.12 -4.83
CA TYR C 14 3.27 13.83 -4.58
C TYR C 14 3.12 13.03 -5.86
N ALA C 15 3.48 11.75 -5.77
CA ALA C 15 3.39 10.77 -6.86
C ALA C 15 4.47 10.94 -7.95
N GLU C 16 5.41 11.87 -7.73
CA GLU C 16 6.54 12.07 -8.63
C GLU C 16 7.38 10.81 -8.68
N GLY C 17 7.71 10.38 -9.90
CA GLY C 17 8.53 9.18 -10.11
C GLY C 17 7.80 7.85 -9.90
N THR C 18 6.49 7.90 -9.75
CA THR C 18 5.75 6.68 -9.47
C THR C 18 4.89 6.22 -10.64
N GLN C 19 4.91 6.96 -11.76
CA GLN C 19 3.94 6.72 -12.85
C GLN C 19 4.60 6.31 -14.17
N PRO C 20 3.99 5.35 -14.88
CA PRO C 20 4.49 4.96 -16.20
C PRO C 20 4.05 5.98 -17.24
N PHE C 21 4.51 5.81 -18.47
CA PHE C 21 4.03 6.55 -19.62
C PHE C 21 2.51 6.58 -19.59
N THR C 22 1.94 7.78 -19.71
CA THR C 22 0.49 8.00 -19.50
C THR C 22 -0.17 8.64 -20.72
N VAL C 23 -1.29 8.06 -21.15
CA VAL C 23 -2.00 8.53 -22.31
C VAL C 23 -3.37 8.98 -21.85
N LEU C 24 -3.76 10.19 -22.28
CA LEU C 24 -5.06 10.73 -21.92
C LEU C 24 -6.00 10.76 -23.13
N ILE C 25 -7.12 10.05 -23.02
CA ILE C 25 -8.13 10.08 -24.07
C ILE C 25 -9.03 11.28 -23.81
N GLU C 26 -8.93 12.29 -24.66
CA GLU C 26 -9.84 13.44 -24.51
C GLU C 26 -10.80 13.51 -25.68
N GLY C 27 -11.93 14.19 -25.48
CA GLY C 27 -12.95 14.33 -26.51
C GLY C 27 -14.27 14.84 -25.96
N ASN C 28 -15.11 15.37 -26.84
CA ASN C 28 -16.43 15.83 -26.46
C ASN C 28 -17.31 14.65 -25.99
N ILE C 29 -18.44 14.99 -25.36
CA ILE C 29 -19.41 13.97 -25.00
C ILE C 29 -19.83 13.29 -26.32
N GLY C 30 -19.79 11.95 -26.33
CA GLY C 30 -20.19 11.17 -27.51
C GLY C 30 -19.20 11.27 -28.65
N SER C 31 -17.91 11.38 -28.33
CA SER C 31 -16.90 11.34 -29.37
C SER C 31 -16.34 9.92 -29.53
N GLY C 32 -16.92 8.97 -28.80
CA GLY C 32 -16.57 7.55 -28.92
C GLY C 32 -15.47 7.10 -27.98
N LYS C 33 -15.27 7.88 -26.90
CA LYS C 33 -14.21 7.60 -25.90
C LYS C 33 -14.28 6.20 -25.26
N THR C 34 -15.48 5.76 -24.87
CA THR C 34 -15.62 4.45 -24.20
C THR C 34 -15.28 3.31 -25.16
N THR C 35 -15.78 3.41 -26.39
CA THR C 35 -15.47 2.49 -27.47
C THR C 35 -13.97 2.42 -27.67
N TYR C 36 -13.34 3.58 -27.74
CA TYR C 36 -11.90 3.62 -27.99
C TYR C 36 -11.11 2.93 -26.88
N LEU C 37 -11.53 3.12 -25.63
CA LEU C 37 -10.76 2.58 -24.50
C LEU C 37 -10.90 1.06 -24.38
N ASN C 38 -12.09 0.57 -24.77
CA ASN C 38 -12.38 -0.85 -24.87
C ASN C 38 -11.46 -1.64 -25.80
N HIS C 39 -11.04 -1.04 -26.90
CA HIS C 39 -10.09 -1.73 -27.78
C HIS C 39 -8.88 -2.26 -27.01
N PHE C 40 -8.54 -1.57 -25.91
CA PHE C 40 -7.35 -1.89 -25.12
C PHE C 40 -7.60 -3.00 -24.08
N GLU C 41 -8.86 -3.34 -23.87
CA GLU C 41 -9.26 -4.23 -22.78
C GLU C 41 -8.65 -5.64 -22.86
N LYS C 42 -8.39 -6.13 -24.07
CA LYS C 42 -7.71 -7.42 -24.22
C LYS C 42 -6.27 -7.37 -23.68
N TYR C 43 -5.77 -6.16 -23.39
CA TYR C 43 -4.40 -5.99 -22.87
C TYR C 43 -4.39 -5.54 -21.41
N LYS C 44 -5.56 -5.67 -20.79
CA LYS C 44 -5.74 -5.62 -19.34
C LYS C 44 -4.46 -5.86 -18.54
N ASN C 45 -3.75 -6.95 -18.86
CA ASN C 45 -2.62 -7.41 -18.09
C ASN C 45 -1.37 -6.55 -18.19
N ASP C 46 -1.24 -5.82 -19.30
CA ASP C 46 -0.03 -5.05 -19.55
C ASP C 46 -0.27 -3.55 -19.46
N ILE C 47 -1.54 -3.15 -19.59
CA ILE C 47 -1.92 -1.72 -19.64
C ILE C 47 -2.86 -1.40 -18.48
N CYS C 48 -2.63 -0.27 -17.82
CA CYS C 48 -3.52 0.22 -16.76
C CYS C 48 -4.63 1.10 -17.34
N LEU C 49 -5.87 0.63 -17.25
CA LEU C 49 -7.01 1.26 -17.94
C LEU C 49 -8.01 1.87 -16.97
N LEU C 50 -8.01 3.20 -16.90
CA LEU C 50 -8.93 3.90 -15.99
C LEU C 50 -10.00 4.70 -16.74
N THR C 51 -11.22 4.19 -16.75
CA THR C 51 -12.35 4.96 -17.29
C THR C 51 -12.70 6.13 -16.37
N GLU C 52 -13.26 7.17 -16.97
CA GLU C 52 -13.80 8.30 -16.24
C GLU C 52 -14.58 7.83 -14.98
N PRO C 53 -14.28 8.41 -13.80
CA PRO C 53 -14.90 7.90 -12.55
C PRO C 53 -16.36 8.34 -12.33
N VAL C 54 -17.20 8.24 -13.36
CA VAL C 54 -18.63 8.56 -13.26
C VAL C 54 -19.31 7.80 -12.13
N GLU C 55 -18.91 6.55 -11.93
CA GLU C 55 -19.48 5.73 -10.89
C GLU C 55 -19.31 6.38 -9.52
N LYS C 56 -18.09 6.86 -9.26
CA LYS C 56 -17.79 7.56 -8.04
C LYS C 56 -18.69 8.79 -7.93
N TRP C 57 -18.81 9.56 -9.02
CA TRP C 57 -19.62 10.78 -8.96
C TRP C 57 -21.09 10.46 -8.66
N ARG C 58 -21.53 9.27 -9.06
CA ARG C 58 -22.93 8.88 -8.86
C ARG C 58 -23.20 8.36 -7.46
N ASN C 59 -22.14 8.17 -6.69
CA ASN C 59 -22.26 7.58 -5.36
C ASN C 59 -21.16 8.05 -4.39
N VAL C 60 -21.32 9.25 -3.84
CA VAL C 60 -20.40 9.74 -2.80
C VAL C 60 -21.03 9.41 -1.45
N ASN C 61 -20.51 8.35 -0.83
CA ASN C 61 -21.13 7.69 0.33
C ASN C 61 -22.66 7.75 0.28
N GLY C 62 -23.24 7.38 -0.86
CA GLY C 62 -24.69 7.39 -0.98
C GLY C 62 -25.27 8.58 -1.70
N VAL C 63 -24.58 9.71 -1.74
CA VAL C 63 -25.13 10.86 -2.46
C VAL C 63 -24.76 10.77 -3.93
N ASN C 64 -25.76 11.01 -4.79
CA ASN C 64 -25.55 11.09 -6.25
C ASN C 64 -25.34 12.52 -6.71
N LEU C 65 -24.07 12.92 -6.74
CA LEU C 65 -23.67 14.27 -7.14
C LEU C 65 -24.00 14.61 -8.58
N LEU C 66 -23.89 13.63 -9.46
CA LEU C 66 -24.21 13.87 -10.87
C LEU C 66 -25.66 14.34 -11.06
N GLU C 67 -26.61 13.55 -10.53
CA GLU C 67 -28.07 13.84 -10.59
C GLU C 67 -28.38 15.23 -10.02
N LEU C 68 -27.87 15.49 -8.82
CA LEU C 68 -28.04 16.79 -8.13
C LEU C 68 -27.55 17.99 -8.96
N MET C 69 -26.49 17.77 -9.73
CA MET C 69 -25.89 18.82 -10.54
C MET C 69 -26.81 19.21 -11.69
N TYR C 70 -27.36 18.20 -12.39
CA TYR C 70 -28.34 18.45 -13.44
C TYR C 70 -29.57 19.17 -12.86
N LYS C 71 -30.12 18.63 -11.75
CA LYS C 71 -31.29 19.24 -11.08
C LYS C 71 -31.11 20.74 -10.84
N ASP C 72 -29.99 21.12 -10.21
CA ASP C 72 -29.81 22.48 -9.71
C ASP C 72 -28.33 22.91 -9.79
N PRO C 73 -27.87 23.27 -11.01
CA PRO C 73 -26.47 23.59 -11.24
C PRO C 73 -25.94 24.73 -10.39
N LYS C 74 -26.72 25.79 -10.21
CA LYS C 74 -26.26 26.97 -9.47
C LYS C 74 -25.75 26.61 -8.07
N LYS C 75 -26.38 25.58 -7.49
CA LYS C 75 -26.11 25.13 -6.13
C LYS C 75 -25.04 24.04 -6.11
N TRP C 76 -25.16 23.06 -7.01
CA TRP C 76 -24.34 21.85 -6.95
C TRP C 76 -23.10 21.75 -7.89
N ALA C 77 -22.95 22.68 -8.82
CA ALA C 77 -21.83 22.62 -9.73
C ALA C 77 -20.49 22.69 -9.00
N MET C 78 -20.40 23.55 -8.01
CA MET C 78 -19.18 23.73 -7.23
C MET C 78 -18.75 22.43 -6.54
N PRO C 79 -19.61 21.85 -5.67
CA PRO C 79 -19.19 20.59 -5.06
C PRO C 79 -18.92 19.48 -6.06
N PHE C 80 -19.73 19.42 -7.12
CA PHE C 80 -19.56 18.40 -8.17
C PHE C 80 -18.19 18.47 -8.88
N GLN C 81 -17.85 19.64 -9.43
CA GLN C 81 -16.55 19.84 -10.06
C GLN C 81 -15.39 19.68 -9.07
N SER C 82 -15.60 20.14 -7.84
CA SER C 82 -14.61 19.95 -6.79
C SER C 82 -14.35 18.47 -6.63
N TYR C 83 -15.43 17.68 -6.70
CA TYR C 83 -15.30 16.23 -6.48
C TYR C 83 -14.69 15.55 -7.70
N VAL C 84 -15.06 16.04 -8.87
CA VAL C 84 -14.51 15.50 -10.11
C VAL C 84 -13.00 15.67 -10.08
N THR C 85 -12.59 16.88 -9.72
CA THR C 85 -11.18 17.22 -9.65
C THR C 85 -10.47 16.21 -8.76
N LEU C 86 -11.08 15.91 -7.61
CA LEU C 86 -10.52 14.94 -6.67
C LEU C 86 -10.37 13.56 -7.31
N THR C 87 -11.46 13.05 -7.91
CA THR C 87 -11.41 11.72 -8.52
C THR C 87 -10.33 11.66 -9.62
N MET C 88 -10.15 12.78 -10.34
CA MET C 88 -9.14 12.83 -11.39
C MET C 88 -7.75 12.66 -10.77
N LEU C 89 -7.51 13.35 -9.65
CA LEU C 89 -6.23 13.19 -8.95
C LEU C 89 -6.04 11.75 -8.47
N GLN C 90 -7.13 11.16 -8.00
CA GLN C 90 -7.10 9.79 -7.54
C GLN C 90 -6.62 8.89 -8.65
N SER C 91 -7.23 8.99 -9.84
CA SER C 91 -6.75 8.24 -11.01
C SER C 91 -5.32 8.62 -11.40
N HIS C 92 -5.07 9.92 -11.58
CA HIS C 92 -3.75 10.40 -11.96
C HIS C 92 -2.65 9.90 -11.04
N THR C 93 -2.94 9.70 -9.76
CA THR C 93 -1.87 9.39 -8.80
C THR C 93 -1.87 7.95 -8.33
N ALA C 94 -2.87 7.19 -8.78
CA ALA C 94 -3.01 5.78 -8.40
C ALA C 94 -1.71 5.04 -8.74
N PRO C 95 -1.25 4.13 -7.84
CA PRO C 95 -0.02 3.43 -8.24
C PRO C 95 -0.34 2.26 -9.16
N THR C 96 0.66 1.85 -9.96
CA THR C 96 0.53 0.70 -10.84
C THR C 96 1.90 0.16 -11.21
N ASN C 97 1.98 -1.16 -11.36
CA ASN C 97 3.24 -1.78 -11.82
C ASN C 97 3.30 -1.93 -13.34
N LYS C 98 2.20 -1.65 -14.04
CA LYS C 98 2.16 -1.70 -15.49
C LYS C 98 3.06 -0.65 -16.12
N LYS C 99 3.55 -0.95 -17.32
CA LYS C 99 4.48 -0.06 -18.02
C LYS C 99 3.79 0.98 -18.93
N LEU C 100 2.47 0.91 -19.02
CA LEU C 100 1.69 1.90 -19.77
C LEU C 100 0.32 2.12 -19.13
N LYS C 101 -0.14 3.36 -19.13
CA LYS C 101 -1.37 3.76 -18.43
C LYS C 101 -2.22 4.70 -19.27
N ILE C 102 -3.51 4.37 -19.40
CA ILE C 102 -4.43 5.15 -20.20
C ILE C 102 -5.65 5.56 -19.38
N MET C 103 -5.96 6.86 -19.38
CA MET C 103 -7.10 7.47 -18.69
C MET C 103 -8.11 8.10 -19.65
N GLU C 104 -9.39 7.82 -19.39
CA GLU C 104 -10.46 8.49 -20.12
C GLU C 104 -10.70 9.83 -19.43
N ARG C 105 -10.36 10.92 -20.12
CA ARG C 105 -10.44 12.27 -19.56
C ARG C 105 -9.42 12.44 -18.44
N SER C 106 -9.38 13.64 -17.85
CA SER C 106 -8.31 14.04 -16.94
C SER C 106 -8.69 15.24 -16.11
N ILE C 107 -7.76 15.65 -15.23
CA ILE C 107 -7.93 16.88 -14.48
C ILE C 107 -7.96 18.04 -15.45
N PHE C 108 -7.22 17.92 -16.54
CA PHE C 108 -7.13 18.98 -17.55
C PHE C 108 -8.46 19.25 -18.26
N SER C 109 -9.15 18.21 -18.70
CA SER C 109 -10.43 18.44 -19.38
C SER C 109 -11.42 19.02 -18.40
N ALA C 110 -11.37 18.54 -17.17
CA ALA C 110 -12.30 19.03 -16.14
C ALA C 110 -12.11 20.53 -15.92
N ARG C 111 -10.86 20.96 -15.84
CA ARG C 111 -10.54 22.38 -15.63
C ARG C 111 -10.82 23.23 -16.87
N TYR C 112 -10.15 22.90 -17.97
CA TYR C 112 -10.20 23.73 -19.16
C TYR C 112 -11.49 23.64 -19.95
N CYS C 113 -12.19 22.51 -19.89
CA CYS C 113 -13.43 22.42 -20.62
C CYS C 113 -14.66 22.56 -19.74
N PHE C 114 -14.85 21.64 -18.80
CA PHE C 114 -16.13 21.64 -18.06
C PHE C 114 -16.29 22.80 -17.07
N VAL C 115 -15.24 23.10 -16.31
CA VAL C 115 -15.32 24.17 -15.31
C VAL C 115 -15.44 25.49 -16.03
N GLU C 116 -14.54 25.71 -16.98
CA GLU C 116 -14.51 26.95 -17.75
C GLU C 116 -15.84 27.19 -18.44
N ASN C 117 -16.47 26.13 -18.92
CA ASN C 117 -17.76 26.31 -19.55
C ASN C 117 -18.81 26.73 -18.55
N MET C 118 -18.77 26.13 -17.36
CA MET C 118 -19.75 26.46 -16.32
C MET C 118 -19.60 27.90 -15.81
N ARG C 119 -18.39 28.44 -15.92
CA ARG C 119 -18.20 29.85 -15.65
C ARG C 119 -18.94 30.67 -16.71
N ARG C 120 -18.67 30.39 -17.98
CA ARG C 120 -19.29 31.12 -19.10
C ARG C 120 -20.82 31.18 -19.00
N ASN C 121 -21.46 30.04 -18.77
CA ASN C 121 -22.91 30.03 -18.68
C ASN C 121 -23.43 30.31 -17.28
N GLY C 122 -22.55 30.78 -16.40
CA GLY C 122 -22.93 31.20 -15.04
C GLY C 122 -23.51 30.14 -14.09
N SER C 123 -23.22 28.87 -14.35
CA SER C 123 -23.48 27.81 -13.35
C SER C 123 -22.56 27.97 -12.14
N LEU C 124 -21.32 28.37 -12.41
CA LEU C 124 -20.38 28.72 -11.37
C LEU C 124 -20.26 30.23 -11.27
N GLU C 125 -20.77 30.77 -10.18
CA GLU C 125 -20.59 32.18 -9.88
C GLU C 125 -19.12 32.51 -9.61
N GLN C 126 -18.77 33.79 -9.74
CA GLN C 126 -17.36 34.21 -9.63
C GLN C 126 -16.61 33.55 -8.43
N GLY C 127 -17.21 33.60 -7.25
CA GLY C 127 -16.55 33.07 -6.05
C GLY C 127 -16.24 31.58 -6.12
N MET C 128 -17.16 30.82 -6.71
CA MET C 128 -17.00 29.38 -6.86
C MET C 128 -15.94 29.02 -7.87
N TYR C 129 -16.03 29.64 -9.05
CA TYR C 129 -15.01 29.46 -10.07
C TYR C 129 -13.62 29.68 -9.45
N ASN C 130 -13.46 30.82 -8.77
CA ASN C 130 -12.17 31.23 -8.20
C ASN C 130 -11.61 30.25 -7.17
N THR C 131 -12.50 29.68 -6.36
CA THR C 131 -12.06 28.67 -5.39
C THR C 131 -11.45 27.49 -6.12
N LEU C 132 -12.15 26.98 -7.13
CA LEU C 132 -11.64 25.86 -7.93
C LEU C 132 -10.28 26.22 -8.60
N GLU C 133 -10.19 27.43 -9.14
CA GLU C 133 -8.97 27.86 -9.82
C GLU C 133 -7.79 27.91 -8.87
N GLU C 134 -8.04 28.44 -7.68
CA GLU C 134 -7.02 28.47 -6.65
C GLU C 134 -6.55 27.04 -6.34
N TRP C 135 -7.50 26.12 -6.18
CA TRP C 135 -7.17 24.69 -6.04
C TRP C 135 -6.36 24.12 -7.21
N TYR C 136 -6.77 24.40 -8.45
CA TYR C 136 -6.00 23.97 -9.62
C TYR C 136 -4.55 24.45 -9.54
N LYS C 137 -4.35 25.70 -9.10
CA LYS C 137 -2.99 26.26 -9.02
C LYS C 137 -2.20 25.57 -7.95
N PHE C 138 -2.85 25.31 -6.82
CA PHE C 138 -2.13 24.62 -5.74
C PHE C 138 -1.85 23.18 -6.10
N ILE C 139 -2.76 22.59 -6.87
CA ILE C 139 -2.57 21.22 -7.34
C ILE C 139 -1.32 21.08 -8.23
N GLU C 140 -1.09 22.02 -9.14
CA GLU C 140 0.12 21.94 -9.95
C GLU C 140 1.43 22.16 -9.21
N GLU C 141 1.40 22.86 -8.07
CA GLU C 141 2.61 23.00 -7.24
C GLU C 141 2.92 21.76 -6.42
N SER C 142 1.86 21.02 -6.04
CA SER C 142 1.98 20.00 -5.01
C SER C 142 1.83 18.56 -5.50
N ILE C 143 1.07 18.38 -6.59
CA ILE C 143 0.74 17.03 -7.03
C ILE C 143 1.23 16.78 -8.47
N HIS C 144 1.97 15.70 -8.66
CA HIS C 144 2.47 15.34 -9.99
C HIS C 144 1.39 14.73 -10.86
N VAL C 145 1.05 15.38 -11.97
CA VAL C 145 0.10 14.78 -12.94
C VAL C 145 0.84 14.30 -14.19
N GLN C 146 1.08 12.98 -14.26
CA GLN C 146 1.75 12.35 -15.39
C GLN C 146 0.85 12.44 -16.61
N ALA C 147 1.39 13.02 -17.68
CA ALA C 147 0.66 13.16 -18.95
C ALA C 147 1.63 13.27 -20.10
N ASP C 148 1.84 12.16 -20.83
CA ASP C 148 2.83 12.09 -21.92
C ASP C 148 2.25 12.25 -23.33
N LEU C 149 0.98 11.90 -23.50
CA LEU C 149 0.34 12.00 -24.79
C LEU C 149 -1.14 12.10 -24.59
N ILE C 150 -1.75 13.10 -25.20
CA ILE C 150 -3.21 13.19 -25.29
C ILE C 150 -3.64 12.59 -26.63
N ILE C 151 -4.68 11.76 -26.61
CA ILE C 151 -5.32 11.36 -27.85
C ILE C 151 -6.69 12.08 -27.94
N TYR C 152 -6.77 13.04 -28.87
CA TYR C 152 -7.97 13.84 -29.08
C TYR C 152 -8.90 13.19 -30.13
N LEU C 153 -10.00 12.61 -29.67
CA LEU C 153 -11.04 12.08 -30.55
C LEU C 153 -11.88 13.27 -31.00
N ARG C 154 -11.35 13.97 -32.01
CA ARG C 154 -11.99 15.17 -32.51
C ARG C 154 -13.23 14.81 -33.32
N THR C 155 -14.34 15.47 -33.02
CA THR C 155 -15.59 15.26 -33.71
C THR C 155 -16.26 16.60 -34.03
N SER C 156 -17.45 16.54 -34.61
CA SER C 156 -18.23 17.73 -34.88
C SER C 156 -19.46 17.65 -33.99
N PRO C 157 -19.80 18.77 -33.34
CA PRO C 157 -20.89 18.79 -32.35
C PRO C 157 -22.12 18.02 -32.83
N GLU C 158 -22.45 18.17 -34.11
CA GLU C 158 -23.63 17.56 -34.73
C GLU C 158 -23.51 16.04 -34.76
N VAL C 159 -22.33 15.53 -35.14
CA VAL C 159 -22.11 14.08 -35.18
C VAL C 159 -22.19 13.51 -33.76
N ALA C 160 -21.63 14.28 -32.83
CA ALA C 160 -21.70 13.96 -31.40
C ALA C 160 -23.17 13.97 -30.93
N TYR C 161 -23.93 15.01 -31.34
CA TYR C 161 -25.35 15.11 -30.96
C TYR C 161 -26.09 13.90 -31.50
N GLU C 162 -25.85 13.59 -32.78
CA GLU C 162 -26.47 12.41 -33.39
C GLU C 162 -26.20 11.15 -32.55
N ARG C 163 -24.93 10.83 -32.30
CA ARG C 163 -24.57 9.62 -31.49
C ARG C 163 -25.17 9.61 -30.07
N ILE C 164 -25.55 10.79 -29.56
CA ILE C 164 -26.11 10.91 -28.20
C ILE C 164 -27.65 10.93 -28.21
N PRO C 176 -28.23 18.93 -24.71
CA PRO C 176 -28.56 19.86 -25.81
C PRO C 176 -27.38 20.06 -26.74
N LEU C 177 -27.65 20.53 -27.96
CA LEU C 177 -26.60 20.71 -28.98
C LEU C 177 -25.69 21.90 -28.68
N LYS C 178 -26.29 22.99 -28.18
CA LYS C 178 -25.55 24.21 -27.85
C LYS C 178 -24.40 23.95 -26.85
N TYR C 179 -24.70 23.08 -25.88
CA TYR C 179 -23.74 22.63 -24.88
C TYR C 179 -22.56 21.92 -25.54
N LEU C 180 -22.86 20.94 -26.39
CA LEU C 180 -21.83 20.24 -27.16
C LEU C 180 -20.96 21.20 -28.00
N GLN C 181 -21.54 22.27 -28.52
CA GLN C 181 -20.78 23.23 -29.33
C GLN C 181 -19.80 24.00 -28.46
N GLU C 182 -20.33 24.54 -27.35
CA GLU C 182 -19.53 25.19 -26.32
C GLU C 182 -18.36 24.28 -25.91
N LEU C 183 -18.67 23.04 -25.53
CA LEU C 183 -17.62 22.10 -25.13
C LEU C 183 -16.63 21.85 -26.24
N HIS C 184 -17.15 21.77 -27.47
CA HIS C 184 -16.30 21.54 -28.65
C HIS C 184 -15.28 22.65 -28.80
N GLU C 185 -15.74 23.91 -28.71
CA GLU C 185 -14.86 25.05 -28.88
C GLU C 185 -13.77 25.06 -27.81
N LEU C 186 -14.15 24.69 -26.58
CA LEU C 186 -13.20 24.63 -25.48
C LEU C 186 -12.12 23.56 -25.68
N HIS C 187 -12.53 22.37 -26.14
CA HIS C 187 -11.55 21.34 -26.48
C HIS C 187 -10.65 21.83 -27.63
N GLU C 188 -11.28 22.45 -28.64
CA GLU C 188 -10.55 23.05 -29.78
C GLU C 188 -9.50 24.09 -29.33
N ASP C 189 -9.92 25.04 -28.49
CA ASP C 189 -8.99 26.00 -27.90
C ASP C 189 -7.81 25.39 -27.16
N TRP C 190 -8.11 24.39 -26.32
CA TRP C 190 -7.12 23.77 -25.46
C TRP C 190 -6.16 22.88 -26.22
N LEU C 191 -6.67 22.13 -27.19
CA LEU C 191 -5.89 21.07 -27.84
C LEU C 191 -5.31 21.42 -29.23
N ILE C 192 -5.99 22.28 -30.00
CA ILE C 192 -5.56 22.60 -31.37
C ILE C 192 -4.88 23.95 -31.47
N HIS C 193 -5.54 24.98 -30.95
CA HIS C 193 -5.02 26.35 -31.04
C HIS C 193 -4.06 26.62 -29.88
N CYS C 200 2.86 18.91 -23.69
CA CYS C 200 2.44 17.51 -23.91
C CYS C 200 1.94 17.27 -25.33
N LYS C 201 2.44 16.22 -25.97
CA LYS C 201 2.10 15.94 -27.38
C LYS C 201 0.65 15.48 -27.59
N VAL C 202 -0.01 16.10 -28.56
CA VAL C 202 -1.41 15.82 -28.88
C VAL C 202 -1.55 15.05 -30.18
N LEU C 203 -2.55 14.18 -30.25
CA LEU C 203 -2.74 13.29 -31.39
C LEU C 203 -4.18 13.32 -31.84
N VAL C 204 -4.44 14.06 -32.91
CA VAL C 204 -5.81 14.27 -33.36
C VAL C 204 -6.31 13.08 -34.17
N LEU C 205 -7.48 12.56 -33.83
CA LEU C 205 -8.11 11.54 -34.65
C LEU C 205 -9.48 12.04 -35.13
N ASP C 206 -9.80 11.77 -36.39
CA ASP C 206 -11.13 12.07 -36.87
C ASP C 206 -12.07 10.96 -36.41
N ALA C 207 -12.93 11.31 -35.46
CA ALA C 207 -13.92 10.38 -34.94
C ALA C 207 -15.32 10.64 -35.56
N ASP C 208 -15.33 11.02 -36.84
CA ASP C 208 -16.59 11.30 -37.55
C ASP C 208 -17.00 10.15 -38.50
N THR D 12 7.74 10.73 0.14
CA THR D 12 6.75 10.61 -0.97
C THR D 12 5.55 11.55 -0.85
N LYS D 13 5.25 12.04 0.35
CA LYS D 13 4.16 13.00 0.53
C LYS D 13 4.66 14.43 0.30
N TYR D 14 3.84 15.27 -0.31
CA TYR D 14 4.26 16.63 -0.56
C TYR D 14 4.64 17.36 0.72
N ALA D 15 5.77 18.06 0.64
CA ALA D 15 6.33 18.85 1.75
C ALA D 15 6.93 18.01 2.90
N GLU D 16 6.99 16.70 2.72
CA GLU D 16 7.64 15.83 3.68
C GLU D 16 9.12 16.20 3.84
N GLY D 17 9.58 16.28 5.09
CA GLY D 17 10.96 16.65 5.39
C GLY D 17 11.34 18.10 5.15
N THR D 18 10.35 18.97 4.95
CA THR D 18 10.64 20.38 4.63
C THR D 18 10.26 21.33 5.74
N GLN D 19 9.72 20.81 6.84
CA GLN D 19 9.11 21.66 7.88
C GLN D 19 9.79 21.53 9.24
N PRO D 20 9.97 22.67 9.93
CA PRO D 20 10.51 22.67 11.27
C PRO D 20 9.44 22.29 12.28
N PHE D 21 9.84 22.05 13.53
CA PHE D 21 8.91 21.91 14.65
C PHE D 21 7.77 22.94 14.45
N THR D 22 6.52 22.46 14.50
CA THR D 22 5.35 23.30 14.23
C THR D 22 4.36 23.28 15.39
N VAL D 23 3.94 24.49 15.77
CA VAL D 23 3.02 24.68 16.88
C VAL D 23 1.72 25.23 16.33
N LEU D 24 0.60 24.64 16.74
CA LEU D 24 -0.71 25.09 16.28
C LEU D 24 -1.50 25.73 17.40
N ILE D 25 -1.77 27.03 17.29
CA ILE D 25 -2.63 27.71 18.26
C ILE D 25 -4.10 27.42 17.94
N GLU D 26 -4.77 26.64 18.76
CA GLU D 26 -6.17 26.41 18.54
C GLU D 26 -7.00 27.06 19.64
N GLY D 27 -8.27 27.35 19.33
CA GLY D 27 -9.18 27.98 20.28
C GLY D 27 -10.48 28.41 19.64
N ASN D 28 -11.52 28.62 20.48
CA ASN D 28 -12.78 29.18 20.02
C ASN D 28 -12.59 30.59 19.47
N ILE D 29 -13.59 31.11 18.77
CA ILE D 29 -13.58 32.53 18.39
C ILE D 29 -13.52 33.36 19.67
N GLY D 30 -12.57 34.31 19.71
CA GLY D 30 -12.40 35.18 20.87
C GLY D 30 -11.79 34.49 22.07
N SER D 31 -10.93 33.52 21.83
CA SER D 31 -10.23 32.88 22.93
C SER D 31 -8.87 33.55 23.16
N GLY D 32 -8.63 34.64 22.46
CA GLY D 32 -7.41 35.41 22.61
C GLY D 32 -6.26 34.97 21.70
N LYS D 33 -6.56 34.26 20.62
CA LYS D 33 -5.54 33.69 19.74
C LYS D 33 -4.57 34.70 19.10
N THR D 34 -5.12 35.81 18.60
CA THR D 34 -4.31 36.86 17.97
C THR D 34 -3.36 37.49 18.99
N THR D 35 -3.90 37.81 20.17
CA THR D 35 -3.10 38.33 21.28
C THR D 35 -1.96 37.36 21.58
N TYR D 36 -2.28 36.07 21.66
CA TYR D 36 -1.28 35.08 22.03
C TYR D 36 -0.15 34.99 21.00
N LEU D 37 -0.49 35.13 19.72
CA LEU D 37 0.48 34.99 18.65
C LEU D 37 1.40 36.20 18.57
N ASN D 38 0.84 37.37 18.90
CA ASN D 38 1.59 38.61 18.97
C ASN D 38 2.75 38.58 19.97
N HIS D 39 2.60 37.87 21.08
CA HIS D 39 3.68 37.79 22.06
C HIS D 39 4.97 37.33 21.40
N PHE D 40 4.86 36.55 20.33
CA PHE D 40 6.02 36.01 19.63
C PHE D 40 6.64 36.98 18.60
N GLU D 41 5.94 38.06 18.28
CA GLU D 41 6.31 38.95 17.17
C GLU D 41 7.70 39.57 17.30
N LYS D 42 8.18 39.71 18.54
CA LYS D 42 9.53 40.21 18.75
C LYS D 42 10.58 39.16 18.36
N TYR D 43 10.13 37.94 18.07
CA TYR D 43 11.03 36.89 17.58
C TYR D 43 10.82 36.56 16.12
N LYS D 44 10.06 37.41 15.43
CA LYS D 44 9.99 37.46 13.97
C LYS D 44 11.17 36.73 13.31
N ASN D 45 12.39 37.09 13.71
CA ASN D 45 13.60 36.64 13.02
C ASN D 45 13.93 35.16 13.19
N ASP D 46 13.46 34.56 14.27
CA ASP D 46 13.77 33.16 14.54
C ASP D 46 12.57 32.23 14.49
N ILE D 47 11.37 32.79 14.49
CA ILE D 47 10.12 32.00 14.44
C ILE D 47 9.30 32.38 13.22
N CYS D 48 8.75 31.35 12.56
CA CYS D 48 7.82 31.59 11.46
C CYS D 48 6.39 31.74 12.01
N LEU D 49 5.79 32.92 11.80
CA LEU D 49 4.51 33.24 12.39
C LEU D 49 3.41 33.44 11.35
N LEU D 50 2.49 32.48 11.27
CA LEU D 50 1.42 32.55 10.28
C LEU D 50 0.04 32.70 10.91
N THR D 51 -0.53 33.88 10.80
CA THR D 51 -1.90 34.08 11.29
C THR D 51 -2.90 33.40 10.36
N GLU D 52 -4.06 33.06 10.90
CA GLU D 52 -5.19 32.58 10.13
C GLU D 52 -5.38 33.41 8.85
N PRO D 53 -5.47 32.75 7.69
CA PRO D 53 -5.50 33.50 6.44
C PRO D 53 -6.85 34.15 6.09
N VAL D 54 -7.44 34.85 7.07
CA VAL D 54 -8.75 35.52 6.86
C VAL D 54 -8.70 36.50 5.70
N GLU D 55 -7.57 37.20 5.58
CA GLU D 55 -7.34 38.13 4.51
C GLU D 55 -7.56 37.47 3.16
N LYS D 56 -6.97 36.29 2.97
CA LYS D 56 -7.15 35.53 1.75
C LYS D 56 -8.63 35.23 1.52
N TRP D 57 -9.34 34.84 2.57
CA TRP D 57 -10.74 34.46 2.45
C TRP D 57 -11.61 35.66 2.14
N ARG D 58 -11.14 36.85 2.51
CA ARG D 58 -11.87 38.08 2.23
C ARG D 58 -11.68 38.57 0.81
N ASN D 59 -10.72 37.99 0.08
CA ASN D 59 -10.37 38.49 -1.21
C ASN D 59 -9.81 37.40 -2.08
N VAL D 60 -10.70 36.61 -2.68
CA VAL D 60 -10.26 35.62 -3.66
C VAL D 60 -10.43 36.27 -5.01
N ASN D 61 -9.29 36.64 -5.62
CA ASN D 61 -9.24 37.49 -6.83
C ASN D 61 -10.39 38.48 -6.90
N GLY D 62 -10.71 39.12 -5.77
CA GLY D 62 -11.76 40.11 -5.74
C GLY D 62 -13.02 39.66 -5.03
N VAL D 63 -13.27 38.37 -4.96
CA VAL D 63 -14.50 37.92 -4.34
C VAL D 63 -14.27 37.78 -2.85
N ASN D 64 -15.21 38.28 -2.05
CA ASN D 64 -15.17 38.14 -0.59
C ASN D 64 -15.99 36.96 -0.12
N LEU D 65 -15.34 35.81 -0.03
CA LEU D 65 -15.97 34.57 0.35
C LEU D 65 -16.52 34.58 1.78
N LEU D 66 -15.84 35.30 2.68
CA LEU D 66 -16.28 35.35 4.06
C LEU D 66 -17.70 35.93 4.21
N GLU D 67 -17.91 37.16 3.74
CA GLU D 67 -19.26 37.75 3.83
C GLU D 67 -20.31 36.93 3.10
N LEU D 68 -20.03 36.54 1.83
CA LEU D 68 -20.94 35.68 1.04
C LEU D 68 -21.42 34.50 1.88
N MET D 69 -20.55 34.00 2.75
CA MET D 69 -20.86 32.86 3.59
C MET D 69 -21.89 33.16 4.69
N TYR D 70 -21.65 34.20 5.52
CA TYR D 70 -22.64 34.63 6.52
C TYR D 70 -24.01 34.78 5.85
N LYS D 71 -24.09 35.69 4.87
CA LYS D 71 -25.32 36.02 4.11
C LYS D 71 -26.13 34.81 3.65
N ASP D 72 -25.47 33.88 2.96
CA ASP D 72 -26.18 32.72 2.40
C ASP D 72 -25.38 31.42 2.57
N PRO D 73 -25.36 30.88 3.80
CA PRO D 73 -24.54 29.72 4.12
C PRO D 73 -24.87 28.48 3.29
N LYS D 74 -26.14 28.24 3.03
CA LYS D 74 -26.55 27.01 2.30
C LYS D 74 -25.85 26.92 0.93
N LYS D 75 -25.57 28.07 0.35
CA LYS D 75 -25.01 28.18 -0.99
C LYS D 75 -23.50 28.23 -0.95
N TRP D 76 -22.96 29.07 -0.06
CA TRP D 76 -21.53 29.41 -0.04
C TRP D 76 -20.62 28.71 0.99
N ALA D 77 -21.18 27.92 1.90
CA ALA D 77 -20.39 27.24 2.93
C ALA D 77 -19.42 26.24 2.34
N MET D 78 -19.90 25.49 1.35
CA MET D 78 -19.06 24.54 0.60
C MET D 78 -17.84 25.19 -0.04
N PRO D 79 -18.02 26.16 -0.96
CA PRO D 79 -16.83 26.79 -1.54
C PRO D 79 -15.95 27.49 -0.52
N PHE D 80 -16.55 28.16 0.45
CA PHE D 80 -15.79 28.76 1.55
C PHE D 80 -14.88 27.77 2.30
N GLN D 81 -15.45 26.69 2.81
CA GLN D 81 -14.67 25.73 3.58
C GLN D 81 -13.64 25.03 2.72
N SER D 82 -14.02 24.77 1.47
CA SER D 82 -13.08 24.26 0.46
C SER D 82 -11.88 25.18 0.34
N TYR D 83 -12.16 26.48 0.24
CA TYR D 83 -11.10 27.45 0.14
C TYR D 83 -10.28 27.56 1.43
N VAL D 84 -10.95 27.49 2.58
CA VAL D 84 -10.26 27.55 3.86
C VAL D 84 -9.21 26.44 3.89
N THR D 85 -9.68 25.23 3.60
CA THR D 85 -8.87 24.03 3.58
C THR D 85 -7.61 24.27 2.77
N LEU D 86 -7.79 24.87 1.59
CA LEU D 86 -6.67 25.16 0.69
C LEU D 86 -5.68 26.12 1.36
N THR D 87 -6.19 27.21 1.93
CA THR D 87 -5.31 28.21 2.54
C THR D 87 -4.55 27.56 3.68
N MET D 88 -5.23 26.70 4.43
CA MET D 88 -4.58 25.98 5.51
C MET D 88 -3.38 25.17 4.97
N LEU D 89 -3.59 24.45 3.87
CA LEU D 89 -2.52 23.67 3.26
C LEU D 89 -1.39 24.62 2.82
N GLN D 90 -1.80 25.78 2.30
CA GLN D 90 -0.82 26.71 1.83
C GLN D 90 0.11 27.07 2.98
N SER D 91 -0.47 27.40 4.15
CA SER D 91 0.32 27.70 5.33
C SER D 91 1.07 26.47 5.80
N HIS D 92 0.37 25.35 5.98
CA HIS D 92 1.03 24.14 6.45
C HIS D 92 2.24 23.73 5.61
N THR D 93 2.23 24.01 4.31
CA THR D 93 3.31 23.51 3.42
C THR D 93 4.27 24.61 2.98
N ALA D 94 4.01 25.85 3.37
CA ALA D 94 4.91 26.96 3.02
C ALA D 94 6.35 26.64 3.45
N PRO D 95 7.32 26.97 2.59
CA PRO D 95 8.66 26.66 3.09
C PRO D 95 9.17 27.75 4.02
N THR D 96 10.13 27.40 4.87
CA THR D 96 10.76 28.37 5.75
C THR D 96 12.12 27.85 6.21
N ASN D 97 13.06 28.75 6.41
CA ASN D 97 14.37 28.36 6.92
C ASN D 97 14.47 28.44 8.45
N LYS D 98 13.42 29.01 9.09
CA LYS D 98 13.36 29.12 10.56
C LYS D 98 13.28 27.75 11.23
N LYS D 99 13.74 27.68 12.47
CA LYS D 99 13.81 26.42 13.18
C LYS D 99 12.55 26.13 14.01
N LEU D 100 11.63 27.09 14.03
CA LEU D 100 10.33 26.93 14.71
C LEU D 100 9.21 27.68 13.98
N LYS D 101 8.03 27.08 13.95
CA LYS D 101 6.91 27.60 13.18
C LYS D 101 5.61 27.50 13.95
N ILE D 102 4.89 28.61 14.03
CA ILE D 102 3.64 28.66 14.75
C ILE D 102 2.51 29.17 13.84
N MET D 103 1.41 28.40 13.81
CA MET D 103 0.22 28.76 13.03
C MET D 103 -0.98 29.02 13.93
N GLU D 104 -1.73 30.07 13.60
CA GLU D 104 -3.04 30.33 14.19
C GLU D 104 -4.11 29.49 13.46
N ARG D 105 -4.60 28.45 14.13
CA ARG D 105 -5.55 27.49 13.58
C ARG D 105 -4.86 26.66 12.50
N SER D 106 -5.61 25.73 11.89
CA SER D 106 -5.03 24.69 11.06
C SER D 106 -6.09 24.04 10.21
N ILE D 107 -5.65 23.09 9.39
CA ILE D 107 -6.57 22.26 8.63
C ILE D 107 -7.45 21.48 9.61
N PHE D 108 -6.87 21.12 10.75
CA PHE D 108 -7.58 20.29 11.74
C PHE D 108 -8.80 20.99 12.38
N SER D 109 -8.62 22.21 12.84
CA SER D 109 -9.75 22.99 13.36
C SER D 109 -10.82 23.14 12.30
N ALA D 110 -10.41 23.48 11.07
CA ALA D 110 -11.36 23.70 9.98
C ALA D 110 -12.19 22.43 9.72
N ARG D 111 -11.53 21.27 9.74
CA ARG D 111 -12.27 20.01 9.53
C ARG D 111 -13.11 19.61 10.74
N TYR D 112 -12.49 19.50 11.90
CA TYR D 112 -13.14 18.91 13.05
C TYR D 112 -14.11 19.84 13.77
N CYS D 113 -13.85 21.14 13.70
CA CYS D 113 -14.74 22.08 14.34
C CYS D 113 -15.67 22.78 13.36
N PHE D 114 -15.15 23.58 12.45
CA PHE D 114 -16.04 24.40 11.61
C PHE D 114 -16.86 23.64 10.56
N VAL D 115 -16.25 22.64 9.93
CA VAL D 115 -16.97 21.90 8.89
C VAL D 115 -17.98 21.01 9.57
N GLU D 116 -17.52 20.31 10.60
CA GLU D 116 -18.36 19.39 11.37
C GLU D 116 -19.55 20.11 11.97
N ASN D 117 -19.32 21.31 12.48
CA ASN D 117 -20.43 22.11 12.94
C ASN D 117 -21.44 22.44 11.84
N MET D 118 -20.95 22.89 10.68
CA MET D 118 -21.83 23.24 9.56
C MET D 118 -22.66 22.07 9.08
N ARG D 119 -22.14 20.86 9.23
CA ARG D 119 -22.94 19.67 8.96
C ARG D 119 -24.11 19.58 9.95
N ARG D 120 -23.79 19.57 11.25
CA ARG D 120 -24.80 19.54 12.31
C ARG D 120 -25.93 20.56 12.11
N ASN D 121 -25.62 21.82 11.86
CA ASN D 121 -26.67 22.80 11.68
C ASN D 121 -27.21 22.87 10.24
N GLY D 122 -26.82 21.90 9.43
CA GLY D 122 -27.28 21.84 8.04
C GLY D 122 -26.97 23.00 7.10
N SER D 123 -25.91 23.77 7.39
CA SER D 123 -25.36 24.68 6.38
C SER D 123 -24.76 23.86 5.23
N LEU D 124 -24.06 22.78 5.57
CA LEU D 124 -23.55 21.83 4.58
C LEU D 124 -24.46 20.61 4.45
N GLU D 125 -25.18 20.52 3.34
CA GLU D 125 -25.99 19.35 3.04
C GLU D 125 -25.10 18.12 2.83
N GLN D 126 -25.70 16.94 2.92
CA GLN D 126 -24.95 15.69 2.91
C GLN D 126 -23.89 15.59 1.79
N GLY D 127 -24.27 15.96 0.56
CA GLY D 127 -23.36 15.85 -0.58
C GLY D 127 -22.15 16.76 -0.45
N MET D 128 -22.39 17.96 0.07
CA MET D 128 -21.32 18.93 0.26
C MET D 128 -20.32 18.49 1.32
N TYR D 129 -20.86 18.13 2.49
CA TYR D 129 -20.03 17.62 3.56
C TYR D 129 -19.15 16.50 3.03
N ASN D 130 -19.77 15.51 2.37
CA ASN D 130 -19.06 14.35 1.82
C ASN D 130 -17.91 14.67 0.86
N THR D 131 -18.11 15.66 0.00
CA THR D 131 -17.07 16.07 -0.92
C THR D 131 -15.86 16.60 -0.17
N LEU D 132 -16.09 17.48 0.81
CA LEU D 132 -15.01 17.98 1.65
C LEU D 132 -14.30 16.84 2.42
N GLU D 133 -15.08 15.87 2.93
CA GLU D 133 -14.49 14.77 3.69
C GLU D 133 -13.59 13.93 2.80
N GLU D 134 -14.09 13.62 1.62
CA GLU D 134 -13.30 12.87 0.66
C GLU D 134 -11.99 13.56 0.38
N TRP D 135 -12.04 14.89 0.22
CA TRP D 135 -10.83 15.69 0.08
C TRP D 135 -9.91 15.59 1.31
N TYR D 136 -10.46 15.71 2.54
CA TYR D 136 -9.64 15.57 3.77
C TYR D 136 -8.92 14.23 3.80
N LYS D 137 -9.60 13.18 3.31
CA LYS D 137 -9.00 11.85 3.29
C LYS D 137 -7.88 11.81 2.29
N PHE D 138 -8.11 12.40 1.13
CA PHE D 138 -7.08 12.39 0.12
C PHE D 138 -5.90 13.26 0.54
N ILE D 139 -6.18 14.32 1.30
CA ILE D 139 -5.14 15.22 1.73
C ILE D 139 -4.18 14.49 2.68
N GLU D 140 -4.70 13.68 3.61
CA GLU D 140 -3.78 12.95 4.51
C GLU D 140 -2.91 11.94 3.79
N GLU D 141 -3.41 11.38 2.68
CA GLU D 141 -2.59 10.44 1.89
C GLU D 141 -1.49 11.11 1.11
N SER D 142 -1.72 12.34 0.70
CA SER D 142 -0.86 13.00 -0.29
C SER D 142 -0.02 14.14 0.24
N ILE D 143 -0.52 14.83 1.27
CA ILE D 143 0.12 16.05 1.73
C ILE D 143 0.55 15.94 3.19
N HIS D 144 1.83 16.18 3.43
CA HIS D 144 2.36 16.22 4.80
C HIS D 144 1.91 17.46 5.60
N VAL D 145 1.16 17.24 6.67
CA VAL D 145 0.84 18.34 7.61
C VAL D 145 1.66 18.21 8.90
N GLN D 146 2.70 19.03 8.99
CA GLN D 146 3.55 19.06 10.17
C GLN D 146 2.74 19.62 11.36
N ALA D 147 2.65 18.84 12.42
CA ALA D 147 1.97 19.26 13.64
C ALA D 147 2.60 18.58 14.85
N ASP D 148 3.41 19.32 15.62
CA ASP D 148 4.13 18.76 16.76
C ASP D 148 3.50 19.03 18.14
N LEU D 149 2.83 20.17 18.27
CA LEU D 149 2.22 20.56 19.51
C LEU D 149 1.06 21.50 19.23
N ILE D 150 -0.10 21.18 19.78
CA ILE D 150 -1.23 22.10 19.77
C ILE D 150 -1.23 22.85 21.07
N ILE D 151 -1.43 24.16 21.01
CA ILE D 151 -1.66 24.93 22.22
C ILE D 151 -3.14 25.33 22.19
N TYR D 152 -3.91 24.76 23.13
CA TYR D 152 -5.36 24.97 23.22
C TYR D 152 -5.68 26.10 24.20
N LEU D 153 -6.06 27.25 23.66
CA LEU D 153 -6.52 28.37 24.49
C LEU D 153 -7.96 28.09 24.89
N ARG D 154 -8.09 27.33 25.97
CA ARG D 154 -9.40 26.89 26.44
C ARG D 154 -10.09 28.02 27.15
N THR D 155 -11.35 28.24 26.78
CA THR D 155 -12.18 29.28 27.36
C THR D 155 -13.59 28.77 27.59
N SER D 156 -14.44 29.64 28.12
CA SER D 156 -15.82 29.29 28.30
C SER D 156 -16.61 30.15 27.34
N PRO D 157 -17.60 29.55 26.67
CA PRO D 157 -18.36 30.22 25.62
C PRO D 157 -18.78 31.63 26.02
N GLU D 158 -19.15 31.77 27.29
CA GLU D 158 -19.66 33.01 27.84
C GLU D 158 -18.55 34.07 27.88
N VAL D 159 -17.36 33.69 28.35
CA VAL D 159 -16.22 34.61 28.41
C VAL D 159 -15.82 35.01 26.99
N ALA D 160 -15.84 34.04 26.09
CA ALA D 160 -15.59 34.28 24.67
C ALA D 160 -16.57 35.29 24.04
N TYR D 161 -17.87 35.16 24.29
CA TYR D 161 -18.82 36.15 23.76
C TYR D 161 -18.47 37.62 24.13
N GLU D 162 -18.33 37.89 25.43
CA GLU D 162 -17.95 39.20 25.97
C GLU D 162 -16.75 39.84 25.23
N ARG D 163 -15.79 39.01 24.84
CA ARG D 163 -14.55 39.50 24.23
C ARG D 163 -14.81 40.04 22.81
N ILE D 164 -15.48 39.24 21.98
CA ILE D 164 -15.85 39.65 20.62
C ILE D 164 -16.62 40.94 20.72
N ARG D 165 -17.61 40.90 21.58
CA ARG D 165 -18.56 41.98 21.70
C ARG D 165 -17.87 43.29 22.09
N GLN D 166 -16.84 43.22 22.96
CA GLN D 166 -16.01 44.36 23.37
C GLN D 166 -15.05 44.95 22.32
N ARG D 167 -15.10 44.44 21.08
CA ARG D 167 -14.37 44.99 19.90
C ARG D 167 -15.29 45.09 18.68
N CYS D 174 -19.49 39.40 14.50
CA CYS D 174 -20.32 38.96 15.64
C CYS D 174 -21.19 37.68 15.45
N VAL D 175 -20.71 36.60 16.10
CA VAL D 175 -21.47 35.38 16.23
C VAL D 175 -22.37 35.41 17.49
N PRO D 176 -23.53 34.74 17.44
CA PRO D 176 -24.41 34.33 18.53
C PRO D 176 -23.74 33.42 19.55
N LEU D 177 -24.30 33.32 20.76
CA LEU D 177 -23.69 32.52 21.84
C LEU D 177 -23.82 31.02 21.58
N LYS D 178 -24.96 30.61 21.02
CA LYS D 178 -25.21 29.19 20.71
C LYS D 178 -24.14 28.60 19.80
N TYR D 179 -23.68 29.43 18.86
CA TYR D 179 -22.64 29.08 17.93
C TYR D 179 -21.31 28.80 18.62
N LEU D 180 -20.92 29.72 19.51
CA LEU D 180 -19.73 29.57 20.34
C LEU D 180 -19.78 28.35 21.26
N GLN D 181 -20.97 27.97 21.71
CA GLN D 181 -21.11 26.76 22.52
C GLN D 181 -20.87 25.51 21.68
N GLU D 182 -21.52 25.47 20.51
CA GLU D 182 -21.34 24.40 19.55
C GLU D 182 -19.85 24.23 19.24
N LEU D 183 -19.21 25.34 18.90
CA LEU D 183 -17.79 25.32 18.58
C LEU D 183 -16.95 24.85 19.75
N HIS D 184 -17.34 25.28 20.95
CA HIS D 184 -16.64 24.92 22.20
C HIS D 184 -16.70 23.42 22.44
N GLU D 185 -17.88 22.81 22.28
CA GLU D 185 -17.99 21.35 22.44
C GLU D 185 -17.13 20.61 21.43
N LEU D 186 -17.08 21.13 20.20
CA LEU D 186 -16.28 20.48 19.17
C LEU D 186 -14.79 20.56 19.47
N HIS D 187 -14.33 21.72 19.93
CA HIS D 187 -12.92 21.83 20.35
C HIS D 187 -12.63 20.91 21.52
N GLU D 188 -13.60 20.80 22.43
CA GLU D 188 -13.49 19.96 23.62
C GLU D 188 -13.40 18.49 23.24
N ASP D 189 -14.30 18.06 22.35
CA ASP D 189 -14.27 16.69 21.85
C ASP D 189 -12.92 16.38 21.24
N TRP D 190 -12.45 17.27 20.35
CA TRP D 190 -11.26 17.03 19.56
C TRP D 190 -9.99 17.03 20.43
N LEU D 191 -9.90 17.98 21.35
CA LEU D 191 -8.66 18.23 22.06
C LEU D 191 -8.56 17.70 23.50
N ILE D 192 -9.69 17.43 24.16
CA ILE D 192 -9.66 16.96 25.54
C ILE D 192 -10.06 15.50 25.68
N HIS D 193 -11.23 15.17 25.12
CA HIS D 193 -11.78 13.81 25.20
C HIS D 193 -11.24 12.96 24.05
N GLN D 194 -9.93 13.01 23.82
CA GLN D 194 -9.28 12.43 22.62
C GLN D 194 -10.12 11.49 21.75
N CYS D 200 -0.48 13.76 18.47
CA CYS D 200 0.11 15.10 18.64
C CYS D 200 -0.17 15.66 20.04
N LYS D 201 0.88 16.13 20.71
CA LYS D 201 0.73 16.61 22.10
C LYS D 201 -0.06 17.93 22.23
N VAL D 202 -1.00 17.95 23.18
CA VAL D 202 -1.89 19.10 23.41
C VAL D 202 -1.55 19.80 24.72
N LEU D 203 -1.64 21.13 24.71
CA LEU D 203 -1.26 21.92 25.84
C LEU D 203 -2.42 22.85 26.18
N VAL D 204 -3.15 22.53 27.23
CA VAL D 204 -4.31 23.33 27.59
C VAL D 204 -3.89 24.56 28.40
N LEU D 205 -4.39 25.73 27.99
CA LEU D 205 -4.22 26.95 28.78
C LEU D 205 -5.58 27.52 29.17
N ASP D 206 -5.68 28.01 30.41
CA ASP D 206 -6.88 28.69 30.83
C ASP D 206 -6.79 30.11 30.32
N ALA D 207 -7.59 30.42 29.31
CA ALA D 207 -7.69 31.76 28.75
C ALA D 207 -8.94 32.52 29.27
N ASP D 208 -9.31 32.25 30.53
CA ASP D 208 -10.45 32.94 31.15
C ASP D 208 -10.01 34.09 32.06
S SO4 E . 9.87 -8.81 22.31
O1 SO4 E . 10.49 -7.62 22.86
O2 SO4 E . 8.47 -8.50 21.96
O3 SO4 E . 10.61 -9.17 21.11
O4 SO4 E . 9.96 -9.89 23.31
S SO4 F . 12.01 -7.02 25.79
O1 SO4 F . 12.63 -6.20 24.74
O2 SO4 F . 10.60 -7.23 25.44
O3 SO4 F . 12.77 -8.27 25.95
O4 SO4 F . 12.08 -6.38 27.12
O5' AZZ G . 8.65 -9.29 19.23
C5' AZZ G . 7.72 -8.43 18.56
C4' AZZ G . 6.41 -9.18 18.43
O4' AZZ G . 6.49 -10.22 17.47
C3' AZZ G . 6.09 -9.83 19.76
N3' AZZ G . 4.85 -9.23 20.15
N4' AZZ G . 4.58 -8.19 20.79
N5' AZZ G . 4.34 -7.28 21.34
C2' AZZ G . 5.98 -11.33 19.52
C1' AZZ G . 6.03 -11.48 17.99
N1 AZZ G . 6.80 -12.62 17.43
C2 AZZ G . 6.09 -13.69 16.82
O2 AZZ G . 4.84 -13.67 16.81
N3 AZZ G . 6.71 -14.73 16.25
C4 AZZ G . 8.04 -14.82 16.24
O4 AZZ G . 8.60 -15.79 15.70
C5 AZZ G . 8.81 -13.71 16.86
C5A AZZ G . 10.32 -13.79 16.86
C6 AZZ G . 8.14 -12.63 17.43
S SO4 H . -0.21 -32.30 -18.58
O1 SO4 H . 0.64 -31.14 -18.89
O2 SO4 H . -1.33 -31.86 -17.73
O3 SO4 H . -0.79 -32.86 -19.78
O4 SO4 H . 0.60 -33.39 -18.00
S SO4 I . -0.56 -30.30 -14.66
O1 SO4 I . -0.47 -29.12 -15.52
O2 SO4 I . -1.75 -30.22 -13.79
O3 SO4 I . -0.66 -31.51 -15.48
O4 SO4 I . 0.66 -30.33 -13.90
O5' AZZ J . -0.49 -29.48 -11.39
C5' AZZ J . -1.34 -30.10 -10.40
C4' AZZ J . -2.19 -29.00 -9.79
O4' AZZ J . -1.43 -28.14 -8.95
C3' AZZ J . -2.73 -28.14 -10.91
N3' AZZ J . -4.16 -28.28 -10.78
N4' AZZ J . -4.96 -29.11 -11.25
N5' AZZ J . -5.67 -29.84 -11.66
C2' AZZ J . -2.26 -26.71 -10.67
C1' AZZ J . -1.62 -26.76 -9.28
N1 AZZ J . -0.37 -25.98 -9.07
C2 AZZ J . -0.41 -24.82 -8.25
O2 AZZ J . -1.51 -24.45 -7.76
N3 AZZ J . 0.66 -24.08 -7.97
C4 AZZ J . 1.86 -24.40 -8.47
O4 AZZ J . 2.87 -23.70 -8.20
C5 AZZ J . 1.96 -25.61 -9.33
C5A AZZ J . 3.29 -26.00 -9.89
C6 AZZ J . 0.81 -26.37 -9.57
S SO4 K . -18.14 8.91 -25.54
O1 SO4 K . -16.96 9.77 -25.64
O2 SO4 K . -19.26 9.70 -25.06
O3 SO4 K . -18.47 8.40 -26.88
O4 SO4 K . -17.84 7.79 -24.65
S SO4 L . -18.98 11.35 -21.50
O1 SO4 L . -18.61 12.76 -21.38
O2 SO4 L . -20.40 11.20 -21.18
O3 SO4 L . -18.72 10.99 -22.89
O4 SO4 L . -18.19 10.51 -20.60
O5' AZZ M . -19.00 12.51 -18.35
C5' AZZ M . -20.12 12.15 -17.51
C4' AZZ M . -20.97 13.40 -17.33
O4' AZZ M . -20.33 14.35 -16.48
C3' AZZ M . -21.14 14.07 -18.67
N3' AZZ M . -22.56 14.04 -18.87
N4' AZZ M . -23.33 13.19 -19.38
N5' AZZ M . -23.99 12.45 -19.83
C2' AZZ M . -20.58 15.49 -18.57
C1' AZZ M . -20.29 15.66 -17.08
N1 AZZ M . -19.05 16.38 -16.69
C2 AZZ M . -19.15 17.67 -16.12
O2 AZZ M . -20.28 18.20 -15.98
N3 AZZ M . -18.09 18.38 -15.71
C4 AZZ M . -16.86 17.89 -15.84
O4 AZZ M . -15.86 18.56 -15.45
C5 AZZ M . -16.69 16.53 -16.42
C5A AZZ M . -15.31 15.95 -16.57
C6 AZZ M . -17.84 15.83 -16.82
S SO4 N . -9.20 35.41 18.84
O1 SO4 N . -10.41 35.99 18.25
O2 SO4 N . -9.35 33.98 19.14
O3 SO4 N . -8.07 35.61 17.95
O4 SO4 N . -8.94 36.16 20.07
S SO4 O . -11.14 34.04 14.92
O1 SO4 O . -12.37 34.64 14.41
O2 SO4 O . -11.44 32.72 15.46
O3 SO4 O . -10.19 33.91 13.83
O4 SO4 O . -10.52 34.86 15.97
O5' AZZ P . -11.71 33.05 12.25
C5' AZZ P . -12.25 34.07 11.40
C4' AZZ P . -13.69 33.68 11.06
O4' AZZ P . -13.71 32.58 10.15
C3' AZZ P . -14.37 33.21 12.33
N3' AZZ P . -15.46 34.14 12.47
N4' AZZ P . -15.56 35.25 13.03
N5' AZZ P . -15.63 36.22 13.51
C2' AZZ P . -14.82 31.77 12.10
C1' AZZ P . -14.57 31.52 10.62
N1 AZZ P . -14.03 30.19 10.23
C2 AZZ P . -14.88 29.29 9.53
O2 AZZ P . -16.07 29.62 9.28
N3 AZZ P . -14.48 28.09 9.09
C4 AZZ P . -13.24 27.67 9.32
O4 AZZ P . -12.86 26.54 8.91
C5 AZZ P . -12.31 28.58 10.04
C5A AZZ P . -10.90 28.13 10.31
C6 AZZ P . -12.77 29.84 10.46
#